data_4FIY
#
_entry.id   4FIY
#
_cell.length_a   150.398
_cell.length_b   150.398
_cell.length_c   147.378
_cell.angle_alpha   90.00
_cell.angle_beta   90.00
_cell.angle_gamma   90.00
#
_symmetry.space_group_name_H-M   'P 4 21 2'
#
loop_
_entity.id
_entity.type
_entity.pdbx_description
1 polymer 'UDP-galactofuranosyl transferase GlfT2'
2 non-polymer "URIDINE-5'-DIPHOSPHATE"
3 non-polymer 'MANGANESE (II) ION'
4 non-polymer GLYCEROL
5 water water
#
_entity_poly.entity_id   1
_entity_poly.type   'polypeptide(L)'
_entity_poly.pdbx_seq_one_letter_code
;MGSSHHHHHHSSGLVPRGSHMSELAASLLSRVILPRPGEPLDVRKLYLEESTTNARRAHAPTRTSLQIGAESEVSFATYF
NAFPASYWRRWTTCKSVVLRVQVTGAGRVDVYRTKATGARIFVEGHDFTGTEDQPAAVETEVVLQPFEDGGWVWFDITTD
TAVTLHSGGWYATSPAPGTANIAVGIPTFNRPADCVNALRELTADPLVDQVIGAVIVPDQGERKVRDHPDFPAAAARLGS
RLSIHDQPNLGGSGGYSRVMYEALKNTDCQQILFMDDDIRLEPDSILRVLAMHRFAKAPMLVGGQMLNLQEPSHLHIMGE
VVDRSIFMWTAAPHAEYDHDFAEYPLNDNNSRSKLLHRRIDVDYNGWWTCMIPRQVAEELGQPLPLFIKWDDADYGLRAA
EHGYPTVTLPGAAIWHMAWSDKDDAIDWQAYFHLRNRLVVAAMHWDGPKAQVIGLVRSHLKATLKHLACLEYSTVAIQNK
AIDDFLAGPEHIFSILESALPQVHRIRKSYPDAVVLPAASELPPPLHKNKAMKPPVNPLVIGYRLARGIMHNLTAANPQH
HRRPEFNVPTQDARWFLLCTVDGATVTTADGCGVVYRQRDRAKMFALLWQSLRRQRQLLKRFEEMRRIYRDALPTLSSKQ
KWETALLPAANQEPEHG
;
_entity_poly.pdbx_strand_id   A,B
#
# COMPACT_ATOMS: atom_id res chain seq x y z
N MET A 21 -5.23 -31.17 25.92
CA MET A 21 -4.22 -31.88 25.08
C MET A 21 -4.54 -31.77 23.59
N SER A 22 -5.84 -31.87 23.27
CA SER A 22 -6.37 -31.61 21.93
C SER A 22 -5.92 -30.22 21.47
N GLU A 23 -6.15 -29.23 22.33
CA GLU A 23 -5.92 -27.81 22.03
C GLU A 23 -4.48 -27.34 22.28
N LEU A 24 -3.74 -28.06 23.12
CA LEU A 24 -2.35 -27.76 23.42
C LEU A 24 -1.47 -27.83 22.17
N ALA A 25 -1.46 -28.98 21.51
CA ALA A 25 -0.62 -29.21 20.34
C ALA A 25 -0.84 -28.24 19.15
N ALA A 26 -2.01 -27.62 19.09
CA ALA A 26 -2.36 -26.70 18.01
C ALA A 26 -2.15 -25.22 18.38
N SER A 27 -1.41 -24.99 19.47
CA SER A 27 -1.10 -23.63 19.93
C SER A 27 0.34 -23.55 20.40
N LEU A 28 1.06 -24.65 20.21
CA LEU A 28 2.48 -24.73 20.48
C LEU A 28 3.25 -23.82 19.53
N LEU A 29 4.00 -22.87 20.09
CA LEU A 29 4.79 -21.93 19.30
C LEU A 29 6.23 -22.39 19.08
N SER A 30 6.90 -22.81 20.15
CA SER A 30 8.26 -23.37 20.06
C SER A 30 8.54 -24.27 21.25
N ARG A 31 9.17 -25.41 20.98
CA ARG A 31 9.43 -26.39 22.03
C ARG A 31 10.74 -26.09 22.73
N VAL A 32 10.88 -26.63 23.94
CA VAL A 32 12.16 -26.65 24.63
C VAL A 32 12.93 -27.87 24.11
N ILE A 33 14.00 -27.62 23.38
CA ILE A 33 14.81 -28.67 22.76
C ILE A 33 16.19 -28.77 23.38
N LEU A 34 16.70 -29.99 23.45
CA LEU A 34 18.07 -30.20 23.93
C LEU A 34 18.99 -30.61 22.78
N PRO A 35 20.32 -30.65 23.04
CA PRO A 35 21.23 -31.12 22.00
C PRO A 35 21.21 -32.64 21.84
N ARG A 36 21.69 -33.09 20.68
CA ARG A 36 21.90 -34.50 20.37
C ARG A 36 22.99 -35.06 21.28
N PRO A 37 23.08 -36.40 21.40
CA PRO A 37 24.19 -37.02 22.13
C PRO A 37 25.57 -36.75 21.49
N GLY A 38 26.56 -36.45 22.33
CA GLY A 38 27.91 -36.16 21.84
C GLY A 38 28.08 -34.88 21.05
N GLU A 39 27.15 -33.95 21.24
CA GLU A 39 27.27 -32.62 20.66
C GLU A 39 28.37 -31.90 21.42
N PRO A 40 29.25 -31.17 20.68
CA PRO A 40 30.30 -30.31 21.22
C PRO A 40 29.75 -29.39 22.29
N LEU A 41 30.57 -29.05 23.28
CA LEU A 41 30.03 -28.30 24.40
C LEU A 41 29.72 -26.87 23.98
N ASP A 42 30.46 -26.37 22.98
CA ASP A 42 30.25 -25.04 22.41
C ASP A 42 28.83 -24.90 21.94
N VAL A 43 28.39 -25.89 21.17
CA VAL A 43 27.08 -25.85 20.54
C VAL A 43 25.96 -26.05 21.53
N ARG A 44 26.25 -26.72 22.65
CA ARG A 44 25.24 -26.94 23.68
C ARG A 44 24.80 -25.65 24.35
N LYS A 45 25.67 -24.64 24.34
CA LYS A 45 25.35 -23.29 24.82
C LYS A 45 24.22 -22.64 24.01
N LEU A 46 23.83 -23.27 22.90
CA LEU A 46 22.72 -22.75 22.15
C LEU A 46 21.41 -23.20 22.79
N TYR A 47 21.51 -24.21 23.65
CA TYR A 47 20.34 -24.92 24.15
C TYR A 47 20.11 -24.73 25.62
N LEU A 48 21.18 -24.88 26.41
CA LEU A 48 21.10 -24.79 27.87
C LEU A 48 22.43 -24.36 28.44
N GLU A 49 22.39 -23.58 29.50
CA GLU A 49 23.58 -22.93 30.05
C GLU A 49 23.69 -23.39 31.51
N GLU A 50 24.69 -24.24 31.78
CA GLU A 50 24.79 -24.91 33.09
C GLU A 50 25.78 -24.21 34.02
N SER A 51 25.50 -24.25 35.33
CA SER A 51 26.39 -23.65 36.32
C SER A 51 27.62 -24.52 36.53
N THR A 52 28.79 -23.91 36.45
CA THR A 52 30.06 -24.62 36.65
C THR A 52 30.17 -25.23 38.05
N THR A 53 29.20 -24.95 38.89
CA THR A 53 29.19 -25.45 40.26
C THR A 53 28.39 -26.77 40.40
N ASN A 54 27.55 -27.09 39.41
CA ASN A 54 26.85 -28.37 39.39
C ASN A 54 27.86 -29.51 39.45
N ALA A 55 27.53 -30.57 40.18
CA ALA A 55 28.42 -31.71 40.39
C ALA A 55 28.68 -32.48 39.10
N ARG A 56 27.68 -32.50 38.22
CA ARG A 56 27.75 -33.27 36.97
C ARG A 56 27.09 -32.53 35.82
N ARG A 57 27.56 -32.80 34.61
CA ARG A 57 26.88 -32.37 33.39
C ARG A 57 25.40 -32.79 33.41
N ALA A 58 24.54 -32.00 32.76
CA ALA A 58 23.14 -32.41 32.59
C ALA A 58 23.09 -33.38 31.44
N HIS A 59 22.14 -34.32 31.51
CA HIS A 59 22.02 -35.33 30.47
C HIS A 59 20.75 -35.14 29.69
N ALA A 60 20.82 -35.31 28.37
CA ALA A 60 19.65 -35.16 27.51
C ALA A 60 19.26 -36.51 26.92
N PRO A 61 18.37 -37.25 27.59
CA PRO A 61 17.99 -38.56 27.06
C PRO A 61 17.48 -38.45 25.63
N THR A 62 16.47 -37.60 25.41
CA THR A 62 15.88 -37.39 24.08
C THR A 62 16.03 -35.90 23.78
N ARG A 63 15.81 -35.51 22.51
CA ARG A 63 15.94 -34.10 22.11
C ARG A 63 14.92 -33.17 22.78
N THR A 64 13.93 -33.74 23.46
CA THR A 64 12.91 -32.92 24.16
C THR A 64 12.95 -33.02 25.71
N SER A 65 13.82 -33.88 26.25
CA SER A 65 13.91 -34.06 27.70
C SER A 65 15.31 -33.85 28.28
N LEU A 66 15.38 -33.57 29.57
CA LEU A 66 16.65 -33.26 30.23
C LEU A 66 16.65 -33.75 31.70
N GLN A 67 17.75 -34.39 32.12
CA GLN A 67 17.91 -34.86 33.50
C GLN A 67 18.94 -34.00 34.20
N ILE A 68 18.56 -33.47 35.36
CA ILE A 68 19.42 -32.56 36.12
C ILE A 68 19.69 -33.19 37.46
N GLY A 69 20.92 -33.07 37.97
CA GLY A 69 21.27 -33.64 39.26
C GLY A 69 20.63 -32.91 40.43
N ALA A 70 20.79 -33.46 41.64
CA ALA A 70 20.38 -32.76 42.86
C ALA A 70 21.23 -31.53 43.11
N GLU A 71 20.63 -30.51 43.74
CA GLU A 71 21.32 -29.29 44.11
C GLU A 71 22.13 -28.75 42.93
N SER A 72 21.43 -28.47 41.84
CA SER A 72 22.02 -27.98 40.59
C SER A 72 21.15 -26.94 39.92
N GLU A 73 21.77 -26.12 39.10
CA GLU A 73 21.03 -25.09 38.37
C GLU A 73 21.35 -25.15 36.87
N VAL A 74 20.33 -25.03 36.03
CA VAL A 74 20.57 -24.84 34.61
C VAL A 74 19.63 -23.75 34.11
N SER A 75 20.15 -22.93 33.20
CA SER A 75 19.46 -21.74 32.72
C SER A 75 19.15 -21.96 31.27
N PHE A 76 17.90 -21.71 30.89
CA PHE A 76 17.48 -21.87 29.51
C PHE A 76 17.39 -20.53 28.80
N ALA A 77 18.15 -19.57 29.31
CA ALA A 77 18.36 -18.27 28.66
C ALA A 77 19.32 -18.45 27.48
N THR A 78 18.87 -19.21 26.49
CA THR A 78 19.74 -19.58 25.38
C THR A 78 19.09 -19.29 24.05
N TYR A 79 19.92 -19.27 23.00
CA TYR A 79 19.45 -18.89 21.67
C TYR A 79 18.23 -19.70 21.28
N PHE A 80 18.27 -21.01 21.53
CA PHE A 80 17.19 -21.88 21.06
C PHE A 80 15.98 -21.97 21.96
N ASN A 81 16.16 -21.80 23.27
CA ASN A 81 15.07 -22.09 24.18
C ASN A 81 14.39 -20.89 24.82
N ALA A 82 15.06 -19.73 24.76
CA ALA A 82 14.46 -18.49 25.24
C ALA A 82 13.41 -17.99 24.24
N PHE A 83 12.39 -17.31 24.73
CA PHE A 83 11.35 -16.79 23.85
C PHE A 83 11.60 -15.33 23.43
N PRO A 84 11.75 -15.07 22.12
CA PRO A 84 12.02 -13.72 21.58
C PRO A 84 10.78 -12.82 21.63
N ALA A 85 10.36 -12.48 22.85
CA ALA A 85 9.05 -11.88 23.14
C ALA A 85 8.68 -10.68 22.29
N SER A 86 9.59 -9.71 22.21
CA SER A 86 9.37 -8.45 21.48
C SER A 86 8.92 -8.65 20.05
N TYR A 87 9.47 -9.67 19.40
CA TYR A 87 9.12 -10.02 18.04
C TYR A 87 7.67 -10.50 17.93
N TRP A 88 7.31 -11.49 18.76
CA TRP A 88 5.92 -11.93 18.88
C TRP A 88 4.95 -10.78 19.19
N ARG A 89 5.35 -9.87 20.08
CA ARG A 89 4.52 -8.71 20.44
C ARG A 89 4.26 -7.82 19.23
N ARG A 90 5.36 -7.52 18.53
CA ARG A 90 5.36 -6.59 17.41
C ARG A 90 4.52 -7.09 16.24
N TRP A 91 4.81 -8.30 15.77
CA TRP A 91 4.26 -8.78 14.50
C TRP A 91 3.09 -9.73 14.62
N THR A 92 2.92 -10.36 15.78
CA THR A 92 1.80 -11.31 15.93
C THR A 92 0.69 -10.75 16.81
N THR A 93 -0.44 -11.45 16.81
CA THR A 93 -1.62 -11.03 17.57
C THR A 93 -1.60 -11.54 19.01
N CYS A 94 -0.60 -12.36 19.37
CA CYS A 94 -0.52 -12.93 20.72
C CYS A 94 -0.34 -11.85 21.78
N LYS A 95 -1.30 -11.76 22.71
CA LYS A 95 -1.23 -10.80 23.80
C LYS A 95 -0.30 -11.24 24.92
N SER A 96 -0.12 -12.56 25.04
CA SER A 96 0.67 -13.21 26.08
C SER A 96 1.09 -14.60 25.63
N VAL A 97 2.19 -15.10 26.18
CA VAL A 97 2.61 -16.47 25.92
C VAL A 97 2.57 -17.28 27.21
N VAL A 98 2.40 -18.60 27.08
CA VAL A 98 2.38 -19.50 28.23
C VAL A 98 3.53 -20.49 28.19
N LEU A 99 4.37 -20.44 29.22
CA LEU A 99 5.37 -21.48 29.39
C LEU A 99 4.73 -22.73 30.02
N ARG A 100 4.96 -23.90 29.45
CA ARG A 100 4.52 -25.14 30.07
C ARG A 100 5.69 -26.10 30.17
N VAL A 101 6.05 -26.46 31.40
CA VAL A 101 7.05 -27.51 31.59
C VAL A 101 6.44 -28.67 32.39
N GLN A 102 6.81 -29.89 32.03
CA GLN A 102 6.35 -31.05 32.77
C GLN A 102 7.55 -31.70 33.42
N VAL A 103 7.56 -31.71 34.75
CA VAL A 103 8.77 -32.08 35.51
C VAL A 103 8.55 -33.05 36.64
N THR A 104 9.54 -33.89 36.92
CA THR A 104 9.52 -34.75 38.12
C THR A 104 10.72 -34.42 38.99
N GLY A 105 10.58 -34.66 40.29
CA GLY A 105 11.60 -34.27 41.25
C GLY A 105 11.14 -33.05 41.99
N ALA A 106 11.91 -32.61 42.98
CA ALA A 106 11.64 -31.35 43.67
C ALA A 106 12.62 -30.28 43.19
N GLY A 107 12.11 -29.11 42.89
CA GLY A 107 12.91 -28.02 42.35
C GLY A 107 12.08 -26.78 42.11
N ARG A 108 12.63 -25.81 41.40
CA ARG A 108 11.93 -24.55 41.14
C ARG A 108 12.16 -24.03 39.74
N VAL A 109 11.07 -23.64 39.08
CA VAL A 109 11.15 -23.00 37.78
C VAL A 109 11.10 -21.49 38.00
N ASP A 110 12.15 -20.80 37.58
CA ASP A 110 12.15 -19.33 37.66
C ASP A 110 12.02 -18.70 36.28
N VAL A 111 11.02 -17.83 36.14
CA VAL A 111 10.75 -17.19 34.87
C VAL A 111 11.33 -15.79 34.90
N TYR A 112 12.12 -15.45 33.88
CA TYR A 112 12.71 -14.12 33.75
C TYR A 112 12.30 -13.44 32.44
N ARG A 113 12.30 -12.11 32.45
CA ARG A 113 12.29 -11.35 31.20
C ARG A 113 13.45 -10.33 31.17
N THR A 114 13.68 -9.72 30.01
CA THR A 114 14.67 -8.67 29.90
C THR A 114 14.03 -7.40 29.40
N LYS A 115 14.66 -6.27 29.68
CA LYS A 115 14.33 -5.05 28.99
C LYS A 115 15.19 -5.00 27.75
N ALA A 116 14.90 -4.08 26.84
CA ALA A 116 15.65 -3.98 25.61
C ALA A 116 17.12 -3.56 25.82
N THR A 117 17.47 -3.13 27.04
CA THR A 117 18.86 -2.83 27.40
C THR A 117 19.63 -4.07 27.84
N GLY A 118 18.96 -5.21 27.92
CA GLY A 118 19.59 -6.43 28.42
C GLY A 118 19.38 -6.69 29.92
N ALA A 119 19.05 -5.65 30.68
CA ALA A 119 18.72 -5.77 32.10
C ALA A 119 17.75 -6.91 32.35
N ARG A 120 18.12 -7.84 33.24
CA ARG A 120 17.31 -9.01 33.55
C ARG A 120 16.31 -8.75 34.67
N ILE A 121 15.06 -9.12 34.44
CA ILE A 121 14.03 -8.94 35.44
C ILE A 121 13.43 -10.29 35.82
N PHE A 122 13.38 -10.56 37.12
CA PHE A 122 12.76 -11.78 37.62
C PHE A 122 11.25 -11.57 37.65
N VAL A 123 10.52 -12.48 37.00
CA VAL A 123 9.05 -12.37 36.92
C VAL A 123 8.36 -13.14 38.06
N GLU A 124 8.23 -14.45 37.94
CA GLU A 124 7.69 -15.27 39.03
C GLU A 124 8.43 -16.59 39.10
N GLY A 125 8.24 -17.32 40.19
CA GLY A 125 8.89 -18.62 40.38
C GLY A 125 7.95 -19.64 40.98
N HIS A 126 8.07 -20.89 40.54
CA HIS A 126 7.21 -21.95 41.03
C HIS A 126 8.01 -23.12 41.58
N ASP A 127 7.83 -23.39 42.87
CA ASP A 127 8.38 -24.61 43.45
C ASP A 127 7.50 -25.78 43.04
N PHE A 128 8.13 -26.86 42.61
CA PHE A 128 7.38 -28.06 42.24
C PHE A 128 7.83 -29.28 43.01
N THR A 129 6.91 -30.24 43.14
CA THR A 129 7.25 -31.62 43.53
C THR A 129 6.56 -32.61 42.61
N GLY A 130 7.34 -33.42 41.91
CA GLY A 130 6.78 -34.39 40.99
C GLY A 130 7.43 -35.76 41.10
N THR A 131 6.66 -36.79 40.76
CA THR A 131 7.21 -38.14 40.63
C THR A 131 6.89 -38.63 39.24
N GLU A 132 7.60 -39.66 38.78
CA GLU A 132 7.36 -40.24 37.46
C GLU A 132 5.91 -40.73 37.35
N ASP A 133 5.35 -41.18 38.48
CA ASP A 133 3.97 -41.64 38.54
C ASP A 133 2.94 -40.51 38.54
N GLN A 134 3.21 -39.41 39.23
CA GLN A 134 2.32 -38.26 39.20
C GLN A 134 3.13 -37.02 38.84
N PRO A 135 3.54 -36.91 37.57
CA PRO A 135 4.49 -35.86 37.14
C PRO A 135 3.95 -34.46 37.35
N ALA A 136 4.78 -33.55 37.83
CA ALA A 136 4.33 -32.18 38.13
C ALA A 136 4.27 -31.30 36.88
N ALA A 137 3.15 -30.63 36.69
CA ALA A 137 2.99 -29.70 35.57
C ALA A 137 3.07 -28.24 36.04
N VAL A 138 3.88 -27.44 35.35
CA VAL A 138 4.13 -26.05 35.75
C VAL A 138 3.81 -25.10 34.59
N GLU A 139 2.79 -24.26 34.76
CA GLU A 139 2.35 -23.30 33.75
C GLU A 139 2.51 -21.87 34.24
N THR A 140 3.07 -21.01 33.39
CA THR A 140 3.22 -19.60 33.72
C THR A 140 2.82 -18.79 32.51
N GLU A 141 1.88 -17.86 32.70
CA GLU A 141 1.46 -16.98 31.62
C GLU A 141 2.20 -15.66 31.67
N VAL A 142 3.06 -15.40 30.68
CA VAL A 142 3.80 -14.14 30.66
C VAL A 142 3.16 -13.19 29.65
N VAL A 143 2.68 -12.03 30.13
CA VAL A 143 2.08 -11.03 29.23
C VAL A 143 3.13 -10.30 28.39
N LEU A 144 2.89 -10.19 27.09
CA LEU A 144 3.84 -9.58 26.17
C LEU A 144 3.88 -8.04 26.17
N GLN A 145 3.17 -7.40 27.09
CA GLN A 145 3.05 -5.95 27.09
C GLN A 145 4.35 -5.15 27.16
N PRO A 146 5.28 -5.52 28.08
CA PRO A 146 6.46 -4.68 28.27
C PRO A 146 7.63 -4.97 27.32
N PHE A 147 7.37 -5.22 26.05
CA PHE A 147 8.44 -5.50 25.10
C PHE A 147 8.39 -4.65 23.84
N GLU A 148 8.14 -3.35 23.99
CA GLU A 148 8.09 -2.44 22.84
C GLU A 148 9.40 -2.40 22.06
N ASP A 149 10.49 -2.10 22.76
CA ASP A 149 11.79 -1.96 22.10
C ASP A 149 12.51 -3.28 21.87
N GLY A 150 12.20 -4.27 22.69
CA GLY A 150 12.91 -5.54 22.68
C GLY A 150 12.70 -6.31 23.97
N GLY A 151 13.49 -7.37 24.17
CA GLY A 151 13.38 -8.18 25.38
C GLY A 151 13.04 -9.62 25.08
N TRP A 152 13.53 -10.51 25.95
CA TRP A 152 13.27 -11.95 25.83
C TRP A 152 12.54 -12.45 27.07
N VAL A 153 11.90 -13.60 26.96
CA VAL A 153 11.48 -14.35 28.14
C VAL A 153 12.17 -15.71 28.14
N TRP A 154 12.62 -16.14 29.31
CA TRP A 154 13.23 -17.48 29.49
C TRP A 154 12.97 -18.03 30.89
N PHE A 155 13.43 -19.25 31.13
CA PHE A 155 13.30 -19.84 32.44
C PHE A 155 14.55 -20.56 32.85
N ASP A 156 14.80 -20.62 34.16
CA ASP A 156 15.85 -21.46 34.74
C ASP A 156 15.20 -22.57 35.55
N ILE A 157 15.94 -23.65 35.79
CA ILE A 157 15.51 -24.69 36.72
C ILE A 157 16.58 -24.85 37.79
N THR A 158 16.13 -24.93 39.04
CA THR A 158 16.99 -25.07 40.20
C THR A 158 16.42 -26.16 41.05
N THR A 159 17.25 -27.15 41.38
CA THR A 159 16.75 -28.41 41.89
C THR A 159 16.99 -28.61 43.39
N ASP A 160 16.03 -29.23 44.05
CA ASP A 160 16.27 -29.74 45.38
C ASP A 160 16.77 -31.18 45.25
N THR A 161 15.89 -32.09 44.82
CA THR A 161 16.28 -33.45 44.50
C THR A 161 16.64 -33.48 43.02
N ALA A 162 16.98 -34.66 42.49
CA ALA A 162 17.20 -34.80 41.04
C ALA A 162 15.89 -34.57 40.30
N VAL A 163 16.00 -33.91 39.16
CA VAL A 163 14.85 -33.47 38.39
C VAL A 163 14.94 -33.96 36.95
N THR A 164 13.80 -34.39 36.39
CA THR A 164 13.69 -34.62 34.95
C THR A 164 12.68 -33.65 34.35
N LEU A 165 13.13 -32.84 33.38
CA LEU A 165 12.24 -32.03 32.55
C LEU A 165 11.79 -32.91 31.40
N HIS A 166 10.55 -33.39 31.45
CA HIS A 166 10.06 -34.34 30.44
C HIS A 166 9.71 -33.66 29.12
N SER A 167 9.13 -32.47 29.22
CA SER A 167 8.82 -31.65 28.06
C SER A 167 8.64 -30.21 28.50
N GLY A 168 8.79 -29.29 27.54
CA GLY A 168 8.63 -27.88 27.83
C GLY A 168 8.32 -27.13 26.56
N GLY A 169 7.48 -26.11 26.65
CA GLY A 169 7.15 -25.33 25.47
C GLY A 169 6.52 -24.00 25.72
N TRP A 170 6.65 -23.13 24.73
CA TRP A 170 5.96 -21.86 24.73
C TRP A 170 4.66 -21.95 23.91
N TYR A 171 3.55 -21.53 24.51
CA TYR A 171 2.25 -21.66 23.88
C TYR A 171 1.49 -20.35 23.75
N ALA A 172 0.71 -20.23 22.66
CA ALA A 172 -0.25 -19.14 22.52
C ALA A 172 -1.46 -19.54 23.32
N THR A 173 -2.37 -18.59 23.59
CA THR A 173 -3.59 -18.89 24.37
C THR A 173 -4.81 -19.29 23.53
N SER A 174 -4.60 -19.45 22.22
CA SER A 174 -5.65 -19.94 21.32
C SER A 174 -5.01 -20.68 20.14
N PRO A 175 -5.80 -21.51 19.41
CA PRO A 175 -5.29 -22.23 18.24
C PRO A 175 -4.62 -21.32 17.21
N ALA A 176 -3.74 -21.93 16.40
CA ALA A 176 -3.15 -21.24 15.25
C ALA A 176 -4.17 -21.05 14.11
N PRO A 177 -4.37 -19.78 13.68
CA PRO A 177 -5.23 -19.48 12.53
C PRO A 177 -4.69 -20.07 11.22
N GLY A 178 -5.61 -20.35 10.30
CA GLY A 178 -5.25 -20.86 8.97
C GLY A 178 -4.90 -22.33 9.00
N THR A 179 -4.42 -22.84 7.87
CA THR A 179 -3.99 -24.24 7.79
C THR A 179 -2.52 -24.27 7.44
N ALA A 180 -1.83 -25.31 7.87
CA ALA A 180 -0.39 -25.38 7.66
C ALA A 180 -0.04 -26.39 6.58
N ASN A 181 0.05 -25.90 5.34
CA ASN A 181 0.44 -26.69 4.20
C ASN A 181 1.63 -26.03 3.49
N ILE A 182 2.84 -26.46 3.83
CA ILE A 182 4.09 -25.80 3.39
C ILE A 182 4.74 -26.40 2.13
N ALA A 183 4.91 -25.57 1.11
CA ALA A 183 5.76 -25.92 -0.03
C ALA A 183 7.22 -25.60 0.31
N VAL A 184 8.03 -26.63 0.51
CA VAL A 184 9.46 -26.42 0.78
C VAL A 184 10.21 -26.45 -0.54
N GLY A 185 10.97 -25.39 -0.81
CA GLY A 185 11.74 -25.31 -2.06
C GLY A 185 13.22 -25.35 -1.82
N ILE A 186 13.91 -26.24 -2.52
CA ILE A 186 15.37 -26.42 -2.36
C ILE A 186 16.08 -26.48 -3.71
N PRO A 187 16.54 -25.33 -4.22
CA PRO A 187 17.25 -25.38 -5.49
C PRO A 187 18.66 -25.95 -5.32
N THR A 188 19.03 -26.89 -6.18
CA THR A 188 20.35 -27.52 -6.09
C THR A 188 21.18 -27.36 -7.38
N PHE A 189 22.48 -27.22 -7.22
CA PHE A 189 23.41 -27.11 -8.35
C PHE A 189 24.72 -27.85 -8.06
N ASN A 190 24.83 -29.07 -8.59
CA ASN A 190 26.02 -29.93 -8.44
C ASN A 190 26.43 -30.25 -6.99
N ARG A 191 25.46 -30.28 -6.08
CA ARG A 191 25.74 -30.64 -4.69
C ARG A 191 24.84 -31.80 -4.24
N PRO A 192 24.81 -32.88 -5.02
CA PRO A 192 23.84 -33.94 -4.78
C PRO A 192 23.87 -34.43 -3.33
N ALA A 193 25.05 -34.79 -2.84
CA ALA A 193 25.24 -35.32 -1.47
C ALA A 193 24.57 -34.44 -0.41
N ASP A 194 24.85 -33.14 -0.46
CA ASP A 194 24.23 -32.17 0.45
C ASP A 194 22.71 -32.12 0.31
N CYS A 195 22.22 -32.12 -0.92
CA CYS A 195 20.78 -32.00 -1.18
C CYS A 195 20.01 -33.21 -0.67
N VAL A 196 20.53 -34.41 -0.98
CA VAL A 196 19.97 -35.67 -0.48
C VAL A 196 19.81 -35.61 1.03
N ASN A 197 20.81 -35.03 1.71
CA ASN A 197 20.78 -34.84 3.16
C ASN A 197 19.70 -33.87 3.63
N ALA A 198 19.50 -32.76 2.93
CA ALA A 198 18.44 -31.81 3.27
C ALA A 198 17.05 -32.44 3.20
N LEU A 199 16.81 -33.26 2.18
CA LEU A 199 15.55 -34.02 2.01
C LEU A 199 15.34 -35.05 3.12
N ARG A 200 16.44 -35.52 3.71
CA ARG A 200 16.45 -36.55 4.73
C ARG A 200 16.08 -35.95 6.08
N GLU A 201 16.53 -34.71 6.30
CA GLU A 201 16.36 -34.02 7.56
C GLU A 201 14.99 -33.34 7.68
N LEU A 202 14.30 -33.17 6.55
CA LEU A 202 12.92 -32.67 6.57
C LEU A 202 11.94 -33.68 7.17
N THR A 203 12.17 -34.96 6.88
CA THR A 203 11.29 -36.04 7.34
C THR A 203 11.71 -36.59 8.71
N ALA A 204 12.79 -36.07 9.27
CA ALA A 204 13.28 -36.47 10.60
C ALA A 204 12.23 -36.29 11.71
N ASP A 205 11.84 -35.04 11.96
CA ASP A 205 10.82 -34.73 12.97
C ASP A 205 9.41 -34.91 12.41
N PRO A 206 8.61 -35.81 13.03
CA PRO A 206 7.24 -36.03 12.57
C PRO A 206 6.39 -34.76 12.52
N LEU A 207 6.65 -33.82 13.42
CA LEU A 207 5.86 -32.59 13.51
C LEU A 207 6.15 -31.60 12.38
N VAL A 208 7.25 -31.80 11.67
CA VAL A 208 7.56 -31.01 10.46
C VAL A 208 6.98 -31.72 9.24
N ASP A 209 7.30 -33.00 9.11
CA ASP A 209 6.75 -33.89 8.08
C ASP A 209 5.25 -33.68 7.89
N GLN A 210 4.50 -33.70 8.99
CA GLN A 210 3.06 -33.48 8.98
C GLN A 210 2.60 -32.21 8.27
N VAL A 211 3.39 -31.14 8.36
CA VAL A 211 2.99 -29.85 7.78
C VAL A 211 3.67 -29.52 6.44
N ILE A 212 4.44 -30.48 5.91
CA ILE A 212 5.03 -30.36 4.58
C ILE A 212 4.11 -31.05 3.58
N GLY A 213 3.68 -30.30 2.56
CA GLY A 213 2.81 -30.84 1.51
C GLY A 213 3.52 -31.12 0.20
N ALA A 214 4.52 -30.30 -0.12
CA ALA A 214 5.30 -30.44 -1.34
C ALA A 214 6.74 -30.05 -1.11
N VAL A 215 7.64 -30.70 -1.85
CA VAL A 215 9.07 -30.38 -1.81
C VAL A 215 9.63 -30.25 -3.23
N ILE A 216 9.79 -29.00 -3.69
CA ILE A 216 10.29 -28.73 -5.04
C ILE A 216 11.82 -28.61 -5.08
N VAL A 217 12.45 -29.42 -5.93
CA VAL A 217 13.90 -29.36 -6.13
C VAL A 217 14.23 -29.07 -7.60
N PRO A 218 14.49 -27.79 -7.92
CA PRO A 218 14.98 -27.45 -9.25
C PRO A 218 16.46 -27.80 -9.34
N ASP A 219 16.77 -28.80 -10.17
CA ASP A 219 18.10 -29.34 -10.30
C ASP A 219 18.81 -28.71 -11.51
N GLN A 220 19.54 -27.62 -11.25
CA GLN A 220 20.22 -26.88 -12.31
C GLN A 220 21.62 -27.43 -12.64
N GLY A 221 21.98 -28.54 -12.00
CA GLY A 221 23.33 -29.12 -12.12
C GLY A 221 23.46 -30.29 -13.08
N GLU A 222 24.68 -30.55 -13.53
CA GLU A 222 24.94 -31.69 -14.44
C GLU A 222 25.23 -33.00 -13.69
N ARG A 223 25.51 -32.88 -12.38
CA ARG A 223 25.62 -34.03 -11.49
C ARG A 223 24.35 -34.11 -10.65
N LYS A 224 23.43 -34.97 -11.07
CA LYS A 224 22.05 -34.94 -10.58
C LYS A 224 21.83 -35.61 -9.23
N VAL A 225 20.92 -35.02 -8.46
CA VAL A 225 20.58 -35.45 -7.11
C VAL A 225 19.80 -36.78 -7.13
N ARG A 226 19.23 -37.11 -8.29
CA ARG A 226 18.52 -38.36 -8.48
C ARG A 226 19.51 -39.53 -8.55
N ASP A 227 20.69 -39.26 -9.13
CA ASP A 227 21.74 -40.27 -9.37
C ASP A 227 22.42 -40.77 -8.10
N HIS A 228 22.21 -40.08 -6.97
CA HIS A 228 22.86 -40.40 -5.71
C HIS A 228 22.38 -41.73 -5.14
N PRO A 229 23.29 -42.51 -4.52
CA PRO A 229 22.99 -43.80 -3.91
C PRO A 229 22.02 -43.73 -2.73
N ASP A 230 22.11 -42.66 -1.94
CA ASP A 230 21.30 -42.51 -0.74
C ASP A 230 19.94 -41.86 -1.02
N PHE A 231 19.72 -41.44 -2.27
CA PHE A 231 18.50 -40.70 -2.66
C PHE A 231 17.21 -41.50 -2.57
N PRO A 232 17.19 -42.74 -3.10
CA PRO A 232 15.94 -43.50 -3.07
C PRO A 232 15.35 -43.63 -1.68
N ALA A 233 16.21 -43.92 -0.70
CA ALA A 233 15.79 -44.01 0.70
C ALA A 233 15.18 -42.70 1.19
N ALA A 234 15.84 -41.59 0.84
CA ALA A 234 15.42 -40.25 1.21
C ALA A 234 14.12 -39.83 0.54
N ALA A 235 14.00 -40.17 -0.74
CA ALA A 235 12.82 -39.84 -1.54
C ALA A 235 11.59 -40.67 -1.12
N ALA A 236 11.82 -41.88 -0.62
CA ALA A 236 10.74 -42.78 -0.22
C ALA A 236 9.95 -42.23 0.96
N ARG A 237 10.65 -41.56 1.87
CA ARG A 237 10.07 -41.02 3.08
C ARG A 237 9.21 -39.81 2.77
N LEU A 238 9.44 -39.19 1.61
CA LEU A 238 8.64 -38.05 1.19
C LEU A 238 7.43 -38.44 0.36
N GLY A 239 7.43 -39.66 -0.18
CA GLY A 239 6.37 -40.13 -1.08
C GLY A 239 6.38 -39.32 -2.36
N SER A 240 5.19 -39.01 -2.86
CA SER A 240 5.07 -38.17 -4.05
C SER A 240 4.80 -36.69 -3.70
N ARG A 241 5.29 -36.26 -2.54
CA ARG A 241 5.27 -34.84 -2.18
C ARG A 241 6.48 -34.18 -2.85
N LEU A 242 7.31 -35.00 -3.47
CA LEU A 242 8.59 -34.58 -4.03
C LEU A 242 8.59 -34.62 -5.55
N SER A 243 8.95 -33.50 -6.18
CA SER A 243 9.19 -33.46 -7.62
C SER A 243 10.57 -32.85 -7.90
N ILE A 244 11.22 -33.34 -8.96
CA ILE A 244 12.51 -32.81 -9.36
C ILE A 244 12.37 -32.23 -10.75
N HIS A 245 12.84 -30.99 -10.92
CA HIS A 245 12.70 -30.30 -12.20
C HIS A 245 14.03 -29.91 -12.81
N ASP A 246 14.37 -30.58 -13.92
CA ASP A 246 15.58 -30.31 -14.69
C ASP A 246 15.45 -29.02 -15.49
N GLN A 247 16.41 -28.12 -15.29
CA GLN A 247 16.48 -26.88 -16.06
C GLN A 247 17.92 -26.42 -16.23
N PRO A 248 18.15 -25.46 -17.13
CA PRO A 248 19.52 -24.94 -17.31
C PRO A 248 19.99 -24.18 -16.08
N ASN A 249 21.29 -23.93 -16.00
CA ASN A 249 21.85 -23.14 -14.91
C ASN A 249 21.42 -21.68 -15.01
N LEU A 250 20.51 -21.29 -14.11
CA LEU A 250 19.97 -19.94 -14.05
C LEU A 250 20.21 -19.32 -12.68
N GLY A 251 21.19 -19.86 -11.96
CA GLY A 251 21.56 -19.37 -10.64
C GLY A 251 20.46 -19.41 -9.60
N GLY A 252 20.69 -18.71 -8.49
CA GLY A 252 19.68 -18.53 -7.45
C GLY A 252 18.34 -18.08 -7.99
N SER A 253 18.30 -16.92 -8.64
CA SER A 253 17.10 -16.36 -9.22
C SER A 253 16.28 -17.46 -9.91
N GLY A 254 16.87 -18.09 -10.92
CA GLY A 254 16.24 -19.19 -11.64
C GLY A 254 15.84 -20.38 -10.79
N GLY A 255 16.64 -20.71 -9.78
CA GLY A 255 16.31 -21.80 -8.87
C GLY A 255 15.04 -21.52 -8.09
N TYR A 256 15.07 -20.46 -7.31
CA TYR A 256 13.94 -20.08 -6.47
C TYR A 256 12.74 -19.62 -7.27
N SER A 257 12.98 -18.94 -8.40
CA SER A 257 11.89 -18.57 -9.26
C SER A 257 11.13 -19.82 -9.67
N ARG A 258 11.86 -20.88 -10.00
CA ARG A 258 11.25 -22.16 -10.37
C ARG A 258 10.36 -22.71 -9.26
N VAL A 259 10.87 -22.62 -8.02
CA VAL A 259 10.15 -23.12 -6.86
C VAL A 259 8.84 -22.35 -6.70
N MET A 260 8.91 -21.03 -6.79
CA MET A 260 7.70 -20.22 -6.73
C MET A 260 6.75 -20.67 -7.83
N TYR A 261 7.26 -20.66 -9.06
CA TYR A 261 6.50 -21.05 -10.24
C TYR A 261 5.75 -22.35 -9.99
N GLU A 262 6.41 -23.33 -9.40
CA GLU A 262 5.81 -24.65 -9.21
C GLU A 262 4.76 -24.65 -8.11
N ALA A 263 5.13 -24.07 -6.97
CA ALA A 263 4.28 -24.08 -5.78
C ALA A 263 2.98 -23.31 -6.01
N LEU A 264 3.03 -22.26 -6.82
CA LEU A 264 1.84 -21.48 -7.14
C LEU A 264 0.97 -22.12 -8.22
N LYS A 265 1.57 -22.89 -9.12
CA LYS A 265 0.83 -23.52 -10.21
C LYS A 265 0.42 -24.97 -9.93
N ASN A 266 1.34 -25.76 -9.38
CA ASN A 266 1.15 -27.21 -9.26
C ASN A 266 0.92 -27.74 -7.84
N THR A 267 0.75 -26.83 -6.87
CA THR A 267 0.41 -27.21 -5.49
C THR A 267 -0.58 -26.21 -4.95
N ASP A 268 -1.36 -26.60 -3.95
CA ASP A 268 -2.25 -25.66 -3.26
C ASP A 268 -1.74 -25.36 -1.84
N CYS A 269 -0.44 -25.16 -1.73
CA CYS A 269 0.22 -24.91 -0.46
C CYS A 269 0.01 -23.48 0.03
N GLN A 270 -0.28 -23.31 1.31
CA GLN A 270 -0.51 -21.98 1.90
C GLN A 270 0.76 -21.17 2.14
N GLN A 271 1.89 -21.85 2.25
CA GLN A 271 3.18 -21.19 2.49
C GLN A 271 4.24 -21.68 1.50
N ILE A 272 5.14 -20.77 1.13
CA ILE A 272 6.31 -21.17 0.35
C ILE A 272 7.55 -20.91 1.19
N LEU A 273 8.29 -21.96 1.52
CA LEU A 273 9.52 -21.86 2.33
C LEU A 273 10.79 -22.13 1.52
N PHE A 274 11.53 -21.07 1.19
CA PHE A 274 12.82 -21.18 0.51
C PHE A 274 13.88 -21.75 1.44
N MET A 275 14.66 -22.72 0.94
CA MET A 275 15.78 -23.29 1.70
C MET A 275 16.98 -23.48 0.79
N ASP A 276 18.13 -23.73 1.40
CA ASP A 276 19.33 -24.06 0.63
C ASP A 276 19.62 -25.55 0.72
N ASP A 277 20.51 -26.05 -0.13
CA ASP A 277 20.80 -27.47 -0.17
C ASP A 277 21.95 -27.87 0.74
N ASP A 278 22.77 -26.90 1.13
CA ASP A 278 23.93 -27.12 1.98
C ASP A 278 23.68 -26.61 3.39
N ILE A 279 22.58 -27.04 3.98
CA ILE A 279 22.16 -26.59 5.30
C ILE A 279 21.92 -27.74 6.26
N ARG A 280 22.51 -27.65 7.46
CA ARG A 280 22.10 -28.47 8.58
C ARG A 280 20.85 -27.81 9.19
N LEU A 281 20.03 -28.62 9.85
CA LEU A 281 18.70 -28.17 10.25
C LEU A 281 18.37 -28.45 11.71
N GLU A 282 17.70 -27.49 12.35
CA GLU A 282 16.98 -27.74 13.59
C GLU A 282 15.50 -27.70 13.22
N PRO A 283 14.85 -28.87 13.17
CA PRO A 283 13.48 -28.93 12.65
C PRO A 283 12.48 -28.00 13.36
N ASP A 284 12.66 -27.77 14.66
CA ASP A 284 11.77 -26.84 15.34
C ASP A 284 11.87 -25.41 14.79
N SER A 285 12.99 -25.09 14.13
CA SER A 285 13.13 -23.79 13.46
C SER A 285 12.03 -23.59 12.43
N ILE A 286 11.78 -24.63 11.64
CA ILE A 286 10.73 -24.59 10.64
C ILE A 286 9.36 -24.35 11.27
N LEU A 287 9.12 -25.01 12.40
CA LEU A 287 7.84 -24.93 13.10
C LEU A 287 7.59 -23.57 13.73
N ARG A 288 8.68 -22.92 14.16
CA ARG A 288 8.61 -21.61 14.82
C ARG A 288 8.23 -20.49 13.85
N VAL A 289 8.83 -20.54 12.66
CA VAL A 289 8.55 -19.61 11.57
C VAL A 289 7.09 -19.77 11.12
N LEU A 290 6.65 -21.02 11.02
CA LEU A 290 5.27 -21.29 10.66
C LEU A 290 4.35 -20.71 11.71
N ALA A 291 4.71 -20.91 12.98
CA ALA A 291 3.92 -20.40 14.10
C ALA A 291 3.67 -18.88 13.96
N MET A 292 4.75 -18.12 13.73
CA MET A 292 4.66 -16.68 13.65
C MET A 292 3.84 -16.24 12.46
N HIS A 293 4.08 -16.87 11.30
CA HIS A 293 3.33 -16.59 10.08
C HIS A 293 1.83 -16.71 10.29
N ARG A 294 1.41 -17.82 10.90
CA ARG A 294 0.01 -18.09 11.20
C ARG A 294 -0.58 -17.13 12.21
N PHE A 295 0.25 -16.59 13.10
CA PHE A 295 -0.24 -15.71 14.13
C PHE A 295 -0.04 -14.25 13.79
N ALA A 296 0.40 -13.99 12.57
CA ALA A 296 0.74 -12.63 12.16
C ALA A 296 -0.46 -11.68 12.16
N LYS A 297 -0.22 -10.44 12.59
CA LYS A 297 -1.21 -9.37 12.57
C LYS A 297 -1.72 -9.15 11.16
N ALA A 298 -0.79 -9.12 10.21
CA ALA A 298 -1.08 -8.97 8.80
C ALA A 298 -0.18 -9.93 8.04
N PRO A 299 -0.50 -10.23 6.77
CA PRO A 299 0.38 -11.14 6.01
C PRO A 299 1.78 -10.56 5.87
N MET A 300 2.79 -11.42 5.98
CA MET A 300 4.17 -10.98 6.02
C MET A 300 5.17 -12.08 5.65
N LEU A 301 6.37 -11.68 5.23
CA LEU A 301 7.47 -12.61 5.03
C LEU A 301 8.11 -12.87 6.37
N VAL A 302 8.39 -14.14 6.67
CA VAL A 302 9.01 -14.51 7.96
C VAL A 302 10.22 -15.37 7.66
N GLY A 303 11.36 -14.98 8.19
CA GLY A 303 12.59 -15.70 7.91
C GLY A 303 13.34 -16.15 9.14
N GLY A 304 14.23 -17.11 8.92
CA GLY A 304 15.09 -17.61 9.97
C GLY A 304 16.51 -17.08 9.87
N GLN A 305 17.20 -17.06 11.00
CA GLN A 305 18.59 -16.67 11.02
C GLN A 305 19.49 -17.79 10.51
N MET A 306 20.74 -17.46 10.25
CA MET A 306 21.70 -18.45 9.84
C MET A 306 22.76 -18.56 10.94
N LEU A 307 23.00 -19.78 11.41
CA LEU A 307 24.14 -20.03 12.26
C LEU A 307 25.27 -20.50 11.33
N ASN A 308 26.51 -20.30 11.75
CA ASN A 308 27.68 -20.60 10.92
C ASN A 308 27.97 -22.09 10.91
N LEU A 309 28.02 -22.66 9.72
CA LEU A 309 28.17 -24.09 9.61
C LEU A 309 29.52 -24.56 10.10
N GLN A 310 30.54 -23.70 9.93
CA GLN A 310 31.91 -24.05 10.21
C GLN A 310 32.40 -23.62 11.60
N GLU A 311 31.61 -22.75 12.25
CA GLU A 311 31.78 -22.34 13.66
C GLU A 311 30.38 -22.32 14.25
N PRO A 312 29.87 -23.50 14.65
CA PRO A 312 28.44 -23.72 14.89
C PRO A 312 27.79 -23.08 16.11
N SER A 313 28.58 -22.53 17.04
CA SER A 313 27.99 -21.75 18.14
C SER A 313 27.79 -20.26 17.79
N HIS A 314 28.24 -19.87 16.60
CA HIS A 314 28.28 -18.47 16.17
C HIS A 314 27.06 -18.15 15.33
N LEU A 315 26.36 -17.08 15.72
CA LEU A 315 25.26 -16.57 14.93
C LEU A 315 25.81 -15.58 13.94
N HIS A 316 25.50 -15.77 12.65
CA HIS A 316 25.97 -14.87 11.60
C HIS A 316 25.51 -13.41 11.77
N ILE A 317 24.19 -13.20 11.83
CA ILE A 317 23.65 -11.87 12.04
C ILE A 317 22.21 -11.92 12.58
N MET A 318 21.83 -10.92 13.39
CA MET A 318 20.46 -10.83 13.88
C MET A 318 19.50 -10.36 12.82
N GLY A 319 20.02 -9.66 11.82
CA GLY A 319 19.21 -9.10 10.73
C GLY A 319 19.93 -8.08 9.84
N GLU A 320 19.58 -8.08 8.56
CA GLU A 320 20.19 -7.19 7.57
C GLU A 320 19.23 -6.15 7.05
N VAL A 321 19.76 -5.00 6.64
CA VAL A 321 18.99 -3.98 5.93
C VAL A 321 19.73 -3.50 4.68
N VAL A 322 19.04 -2.74 3.84
CA VAL A 322 19.68 -2.05 2.72
C VAL A 322 19.87 -0.59 3.11
N ASP A 323 21.13 -0.19 3.26
CA ASP A 323 21.51 1.17 3.63
C ASP A 323 21.31 2.12 2.46
N ARG A 324 20.27 2.95 2.56
CA ARG A 324 20.11 4.07 1.63
C ARG A 324 21.30 5.01 1.82
N SER A 325 21.47 5.94 0.89
CA SER A 325 22.62 6.85 0.85
C SER A 325 23.87 6.25 0.15
N ILE A 326 24.02 4.92 0.18
CA ILE A 326 24.95 4.22 -0.74
C ILE A 326 24.27 3.05 -1.46
N PHE A 327 22.99 2.82 -1.14
CA PHE A 327 22.21 1.63 -1.53
C PHE A 327 23.03 0.36 -1.53
N MET A 328 23.32 -0.10 -0.32
CA MET A 328 24.18 -1.25 -0.10
C MET A 328 23.67 -2.01 1.09
N TRP A 329 23.55 -3.33 0.93
CA TRP A 329 23.13 -4.20 2.03
C TRP A 329 24.17 -4.15 3.17
N THR A 330 23.66 -4.21 4.39
CA THR A 330 24.49 -4.00 5.57
C THR A 330 23.83 -4.62 6.79
N ALA A 331 24.55 -4.69 7.90
CA ALA A 331 23.96 -5.11 9.17
C ALA A 331 22.90 -4.11 9.60
N ALA A 332 21.79 -4.61 10.13
CA ALA A 332 20.78 -3.74 10.73
C ALA A 332 21.41 -2.87 11.85
N PRO A 333 20.93 -1.61 12.00
CA PRO A 333 21.47 -0.60 12.94
C PRO A 333 22.20 -1.09 14.20
N HIS A 334 21.59 -1.98 14.99
CA HIS A 334 22.17 -2.40 16.26
C HIS A 334 22.49 -3.90 16.32
N ALA A 335 23.22 -4.37 15.31
CA ALA A 335 23.55 -5.78 15.19
C ALA A 335 24.92 -5.88 14.58
N GLU A 336 25.78 -6.74 15.12
CA GLU A 336 27.09 -6.98 14.54
C GLU A 336 27.28 -8.42 14.06
N TYR A 337 27.99 -8.58 12.95
CA TYR A 337 28.26 -9.92 12.44
C TYR A 337 29.01 -10.84 13.40
N ASP A 338 28.72 -12.14 13.34
CA ASP A 338 29.52 -13.16 14.02
C ASP A 338 29.45 -13.07 15.56
N HIS A 339 28.38 -13.62 16.13
CA HIS A 339 28.18 -13.58 17.57
C HIS A 339 28.26 -14.96 18.16
N ASP A 340 29.35 -15.21 18.87
CA ASP A 340 29.62 -16.53 19.43
C ASP A 340 28.93 -16.68 20.77
N PHE A 341 27.85 -17.47 20.78
CA PHE A 341 27.04 -17.68 21.98
C PHE A 341 27.73 -18.47 23.07
N ALA A 342 28.82 -19.13 22.72
CA ALA A 342 29.65 -19.83 23.68
C ALA A 342 30.52 -18.84 24.41
N GLU A 343 31.03 -17.84 23.72
CA GLU A 343 31.83 -16.81 24.38
C GLU A 343 31.00 -15.68 24.97
N TYR A 344 29.89 -15.34 24.30
CA TYR A 344 29.03 -14.27 24.80
C TYR A 344 27.59 -14.75 24.93
N PRO A 345 27.23 -15.28 26.12
CA PRO A 345 25.90 -15.81 26.37
C PRO A 345 24.85 -14.74 26.14
N LEU A 346 23.62 -15.17 25.85
CA LEU A 346 22.50 -14.22 25.74
C LEU A 346 22.40 -13.33 27.00
N ASN A 347 22.64 -13.92 28.17
CA ASN A 347 22.49 -13.19 29.43
C ASN A 347 23.76 -12.71 30.10
N ASP A 348 24.75 -12.27 29.33
CA ASP A 348 25.97 -11.74 29.91
C ASP A 348 25.96 -10.20 29.90
N ASN A 349 26.65 -9.61 30.88
CA ASN A 349 26.75 -8.16 31.02
C ASN A 349 27.72 -7.50 30.02
N ASN A 350 28.06 -8.21 28.95
CA ASN A 350 28.97 -7.65 27.96
C ASN A 350 28.21 -6.93 26.85
N SER A 351 28.90 -6.04 26.15
CA SER A 351 28.27 -5.12 25.20
C SER A 351 27.73 -5.79 23.96
N ARG A 352 28.39 -6.89 23.54
CA ARG A 352 27.94 -7.65 22.36
C ARG A 352 26.61 -8.35 22.64
N SER A 353 26.49 -8.90 23.85
CA SER A 353 25.27 -9.59 24.28
C SER A 353 24.11 -8.65 24.51
N LYS A 354 24.41 -7.42 24.92
CA LYS A 354 23.38 -6.44 25.19
C LYS A 354 22.58 -6.01 23.93
N LEU A 355 23.18 -6.13 22.76
CA LEU A 355 22.50 -5.76 21.53
C LEU A 355 21.44 -6.79 21.12
N LEU A 356 21.55 -8.02 21.64
CA LEU A 356 20.64 -9.08 21.26
C LEU A 356 19.23 -8.86 21.82
N HIS A 357 19.11 -7.98 22.81
CA HIS A 357 17.85 -7.77 23.47
C HIS A 357 17.04 -6.66 22.84
N ARG A 358 17.63 -5.98 21.86
CA ARG A 358 16.90 -5.02 21.06
C ARG A 358 16.08 -5.78 20.02
N ARG A 359 14.95 -5.20 19.61
CA ARG A 359 14.20 -5.75 18.49
C ARG A 359 14.80 -5.20 17.20
N ILE A 360 15.37 -6.10 16.39
CA ILE A 360 15.98 -5.73 15.13
C ILE A 360 14.94 -5.76 14.00
N ASP A 361 14.83 -4.67 13.25
CA ASP A 361 13.94 -4.62 12.10
C ASP A 361 14.73 -4.71 10.81
N VAL A 362 14.36 -5.69 10.00
CA VAL A 362 15.05 -6.01 8.74
C VAL A 362 14.34 -5.41 7.52
N ASP A 363 15.05 -5.37 6.40
CA ASP A 363 14.45 -4.99 5.13
C ASP A 363 14.15 -6.24 4.32
N TYR A 364 14.89 -7.31 4.59
CA TYR A 364 14.71 -8.58 3.90
C TYR A 364 15.35 -9.71 4.71
N ASN A 365 14.90 -10.94 4.45
CA ASN A 365 15.59 -12.12 4.98
C ASN A 365 16.27 -12.88 3.85
N GLY A 366 17.38 -13.54 4.17
CA GLY A 366 18.09 -14.37 3.21
C GLY A 366 17.32 -15.64 2.87
N TRP A 367 17.61 -16.20 1.70
CA TRP A 367 16.77 -17.28 1.21
C TRP A 367 17.19 -18.65 1.67
N TRP A 368 18.00 -18.70 2.74
CA TRP A 368 18.31 -19.97 3.40
C TRP A 368 17.08 -20.53 4.11
N THR A 369 16.31 -19.65 4.76
CA THR A 369 15.00 -19.98 5.30
C THR A 369 14.18 -18.71 5.26
N CYS A 370 13.24 -18.67 4.32
CA CYS A 370 12.35 -17.53 4.21
C CYS A 370 10.99 -18.00 3.70
N MET A 371 9.97 -17.77 4.51
CA MET A 371 8.61 -18.21 4.26
C MET A 371 7.81 -17.08 3.67
N ILE A 372 7.16 -17.37 2.55
CA ILE A 372 6.34 -16.43 1.82
C ILE A 372 4.91 -16.97 1.74
N PRO A 373 3.91 -16.17 2.19
CA PRO A 373 2.52 -16.61 2.09
C PRO A 373 2.09 -16.70 0.63
N ARG A 374 1.13 -17.59 0.37
CA ARG A 374 0.76 -17.93 -1.01
C ARG A 374 0.23 -16.73 -1.79
N GLN A 375 -0.77 -16.05 -1.23
CA GLN A 375 -1.37 -14.93 -1.95
C GLN A 375 -0.52 -13.66 -1.86
N VAL A 376 0.65 -13.78 -1.25
CA VAL A 376 1.65 -12.71 -1.25
C VAL A 376 2.62 -12.91 -2.41
N ALA A 377 3.06 -14.15 -2.61
CA ALA A 377 3.91 -14.51 -3.74
C ALA A 377 3.17 -14.28 -5.03
N GLU A 378 1.88 -14.64 -5.04
CA GLU A 378 1.02 -14.44 -6.19
C GLU A 378 0.93 -12.97 -6.57
N GLU A 379 0.85 -12.11 -5.57
CA GLU A 379 0.75 -10.66 -5.78
C GLU A 379 2.06 -10.01 -6.21
N LEU A 380 3.16 -10.43 -5.60
CA LEU A 380 4.47 -9.84 -5.89
C LEU A 380 5.07 -10.38 -7.19
N GLY A 381 4.61 -11.57 -7.58
CA GLY A 381 5.15 -12.29 -8.74
C GLY A 381 6.51 -12.88 -8.45
N GLN A 382 7.23 -13.22 -9.50
CA GLN A 382 8.53 -13.91 -9.40
C GLN A 382 9.67 -13.04 -8.85
N PRO A 383 10.85 -13.64 -8.68
CA PRO A 383 12.05 -12.81 -8.47
C PRO A 383 12.56 -12.21 -9.79
N LEU A 384 13.39 -11.17 -9.67
CA LEU A 384 14.15 -10.64 -10.80
C LEU A 384 15.21 -11.63 -11.27
N PRO A 385 15.43 -11.72 -12.60
CA PRO A 385 16.45 -12.59 -13.21
C PRO A 385 17.90 -12.10 -13.02
N LEU A 386 18.39 -12.15 -11.78
CA LEU A 386 19.67 -11.54 -11.43
C LEU A 386 20.82 -12.54 -11.40
N PHE A 387 20.48 -13.81 -11.66
CA PHE A 387 21.38 -14.97 -11.53
C PHE A 387 21.78 -15.26 -10.08
N ILE A 388 22.71 -14.47 -9.53
CA ILE A 388 22.98 -14.48 -8.07
C ILE A 388 23.18 -13.08 -7.47
N LYS A 389 22.91 -12.99 -6.16
CA LYS A 389 23.08 -11.78 -5.36
C LYS A 389 21.96 -10.75 -5.59
N TRP A 390 21.42 -10.21 -4.49
CA TRP A 390 20.39 -9.15 -4.50
C TRP A 390 18.97 -9.57 -4.84
N ASP A 391 18.81 -10.75 -5.45
CA ASP A 391 17.48 -11.30 -5.71
C ASP A 391 16.60 -11.27 -4.45
N ASP A 392 17.20 -11.60 -3.30
CA ASP A 392 16.48 -11.72 -2.04
C ASP A 392 16.11 -10.36 -1.45
N ALA A 393 17.03 -9.41 -1.54
CA ALA A 393 16.78 -8.07 -1.02
C ALA A 393 15.68 -7.43 -1.83
N ASP A 394 15.83 -7.45 -3.15
CA ASP A 394 14.81 -6.94 -4.05
C ASP A 394 13.44 -7.44 -3.62
N TYR A 395 13.35 -8.73 -3.33
CA TYR A 395 12.07 -9.31 -2.98
C TYR A 395 11.54 -8.75 -1.66
N GLY A 396 12.45 -8.57 -0.70
CA GLY A 396 12.10 -7.98 0.57
C GLY A 396 11.62 -6.54 0.43
N LEU A 397 12.39 -5.75 -0.30
CA LEU A 397 12.05 -4.35 -0.58
C LEU A 397 10.75 -4.22 -1.36
N ARG A 398 10.52 -5.14 -2.30
CA ARG A 398 9.29 -5.13 -3.10
C ARG A 398 8.06 -5.42 -2.25
N ALA A 399 8.18 -6.44 -1.40
CA ALA A 399 7.09 -6.83 -0.53
C ALA A 399 6.77 -5.69 0.43
N ALA A 400 7.81 -4.98 0.84
CA ALA A 400 7.69 -3.86 1.78
C ALA A 400 6.83 -2.75 1.17
N GLU A 401 7.02 -2.51 -0.12
CA GLU A 401 6.28 -1.47 -0.85
C GLU A 401 4.81 -1.81 -1.06
N HIS A 402 4.46 -3.08 -0.83
CA HIS A 402 3.09 -3.53 -0.94
C HIS A 402 2.44 -3.70 0.45
N GLY A 403 3.19 -3.34 1.49
CA GLY A 403 2.70 -3.43 2.88
C GLY A 403 2.94 -4.79 3.53
N TYR A 404 3.82 -5.60 2.93
CA TYR A 404 4.19 -6.88 3.52
C TYR A 404 5.62 -6.82 4.08
N PRO A 405 5.75 -6.56 5.40
CA PRO A 405 7.02 -6.45 6.07
C PRO A 405 7.75 -7.79 6.14
N THR A 406 9.05 -7.76 6.38
CA THR A 406 9.81 -8.97 6.65
C THR A 406 10.28 -9.00 8.11
N VAL A 407 10.14 -10.15 8.77
CA VAL A 407 10.68 -10.33 10.12
C VAL A 407 11.67 -11.47 10.19
N THR A 408 12.89 -11.16 10.64
CA THR A 408 13.90 -12.18 10.84
C THR A 408 13.76 -12.66 12.28
N LEU A 409 13.24 -13.88 12.43
CA LEU A 409 12.92 -14.42 13.75
C LEU A 409 14.18 -14.90 14.46
N PRO A 410 14.40 -14.43 15.70
CA PRO A 410 15.50 -15.05 16.46
C PRO A 410 15.09 -16.39 17.07
N GLY A 411 16.05 -17.31 17.15
CA GLY A 411 15.81 -18.62 17.74
C GLY A 411 15.34 -19.62 16.71
N ALA A 412 15.07 -19.13 15.52
CA ALA A 412 14.68 -19.99 14.42
C ALA A 412 15.81 -19.92 13.43
N ALA A 413 16.62 -20.98 13.37
CA ALA A 413 17.81 -20.98 12.54
C ALA A 413 18.11 -22.30 11.87
N ILE A 414 18.75 -22.20 10.70
CA ILE A 414 19.47 -23.32 10.10
C ILE A 414 20.97 -23.01 10.12
N TRP A 415 21.81 -24.05 10.03
CA TRP A 415 23.24 -23.84 9.89
C TRP A 415 23.60 -23.73 8.43
N HIS A 416 24.27 -22.66 8.05
CA HIS A 416 24.69 -22.51 6.67
C HIS A 416 26.13 -22.06 6.58
N MET A 417 26.75 -22.34 5.45
CA MET A 417 28.08 -21.85 5.13
C MET A 417 28.03 -20.32 5.16
N ALA A 418 28.92 -19.70 5.94
CA ALA A 418 29.04 -18.25 5.99
C ALA A 418 30.22 -17.79 5.13
N TRP A 419 30.67 -16.56 5.33
CA TRP A 419 31.90 -16.09 4.66
C TRP A 419 33.09 -16.27 5.62
N SER A 420 33.10 -17.39 6.34
CA SER A 420 34.10 -17.72 7.36
C SER A 420 35.49 -17.90 6.73
N ASP A 421 36.06 -16.76 6.31
CA ASP A 421 37.30 -16.66 5.52
C ASP A 421 37.14 -17.10 4.04
N LYS A 422 36.24 -18.06 3.81
CA LYS A 422 36.15 -18.83 2.54
C LYS A 422 35.86 -18.02 1.26
N ASP A 423 35.02 -16.99 1.37
CA ASP A 423 34.50 -16.25 0.19
C ASP A 423 35.16 -14.87 -0.01
N ASP A 424 34.85 -14.24 -1.14
CA ASP A 424 35.29 -12.87 -1.48
C ASP A 424 34.46 -12.19 -2.59
N ALA A 425 34.50 -10.86 -2.63
CA ALA A 425 33.76 -10.06 -3.59
C ALA A 425 34.71 -9.46 -4.62
N ILE A 426 35.79 -10.18 -4.91
CA ILE A 426 36.74 -9.73 -5.93
C ILE A 426 36.70 -10.61 -7.18
N ASP A 427 36.26 -11.86 -7.04
CA ASP A 427 36.22 -12.76 -8.19
C ASP A 427 34.99 -12.52 -9.08
N TRP A 428 34.58 -13.56 -9.81
CA TRP A 428 33.51 -13.42 -10.79
C TRP A 428 32.22 -12.81 -10.25
N GLN A 429 31.93 -13.09 -8.99
CA GLN A 429 30.75 -12.55 -8.31
C GLN A 429 30.74 -11.03 -8.26
N ALA A 430 31.91 -10.41 -8.21
CA ALA A 430 32.04 -8.95 -8.18
C ALA A 430 31.22 -8.26 -9.28
N TYR A 431 31.04 -8.98 -10.39
CA TYR A 431 30.18 -8.54 -11.47
C TYR A 431 28.75 -8.52 -10.97
N PHE A 432 28.34 -9.61 -10.34
CA PHE A 432 26.94 -9.80 -10.00
C PHE A 432 26.52 -8.95 -8.83
N HIS A 433 27.46 -8.65 -7.92
CA HIS A 433 27.19 -7.68 -6.85
C HIS A 433 26.84 -6.35 -7.49
N LEU A 434 27.82 -5.71 -8.12
CA LEU A 434 27.61 -4.40 -8.70
C LEU A 434 26.39 -4.36 -9.63
N ARG A 435 26.34 -5.27 -10.60
CA ARG A 435 25.28 -5.21 -11.60
C ARG A 435 23.93 -5.23 -10.91
N ASN A 436 23.64 -6.32 -10.20
CA ASN A 436 22.38 -6.47 -9.48
C ASN A 436 22.09 -5.37 -8.47
N ARG A 437 23.14 -4.84 -7.83
CA ARG A 437 22.98 -3.76 -6.87
C ARG A 437 22.37 -2.56 -7.54
N LEU A 438 22.88 -2.23 -8.74
CA LEU A 438 22.33 -1.13 -9.53
C LEU A 438 20.93 -1.43 -10.05
N VAL A 439 20.73 -2.63 -10.61
CA VAL A 439 19.38 -3.07 -11.00
C VAL A 439 18.41 -2.82 -9.86
N VAL A 440 18.67 -3.42 -8.71
CA VAL A 440 17.82 -3.26 -7.54
C VAL A 440 17.72 -1.78 -7.12
N ALA A 441 18.81 -1.04 -7.31
CA ALA A 441 18.83 0.38 -6.90
C ALA A 441 17.83 1.16 -7.71
N ALA A 442 17.80 0.95 -9.02
CA ALA A 442 16.84 1.59 -9.91
C ALA A 442 15.42 1.22 -9.53
N MET A 443 15.25 -0.02 -9.10
CA MET A 443 13.96 -0.55 -8.72
C MET A 443 13.35 0.09 -7.46
N HIS A 444 14.19 0.46 -6.49
CA HIS A 444 13.69 0.84 -5.17
C HIS A 444 14.22 2.16 -4.58
N TRP A 445 14.81 3.00 -5.42
CA TRP A 445 15.43 4.23 -4.94
C TRP A 445 14.44 5.36 -4.71
N ASP A 446 13.28 5.07 -4.13
CA ASP A 446 12.29 6.11 -3.90
C ASP A 446 12.83 7.06 -2.84
N GLY A 447 13.59 8.05 -3.31
CA GLY A 447 14.25 9.04 -2.46
C GLY A 447 14.59 10.32 -3.21
N PRO A 448 15.59 11.10 -2.71
CA PRO A 448 16.04 12.34 -3.36
C PRO A 448 16.86 12.12 -4.64
N LYS A 449 16.90 13.15 -5.49
CA LYS A 449 17.57 13.08 -6.80
C LYS A 449 19.09 12.96 -6.67
N ALA A 450 19.74 14.01 -6.14
CA ALA A 450 21.20 14.12 -6.03
C ALA A 450 21.85 12.96 -5.25
N GLN A 451 21.03 12.05 -4.75
CA GLN A 451 21.44 10.95 -3.88
C GLN A 451 22.37 9.93 -4.54
N VAL A 452 22.30 9.80 -5.86
CA VAL A 452 23.04 8.76 -6.58
C VAL A 452 24.55 8.99 -6.56
N ILE A 453 24.96 10.23 -6.30
CA ILE A 453 26.36 10.60 -6.12
C ILE A 453 27.02 9.76 -5.01
N GLY A 454 26.23 9.40 -3.98
CA GLY A 454 26.72 8.67 -2.82
C GLY A 454 27.08 7.23 -3.12
N LEU A 455 26.37 6.63 -4.07
CA LEU A 455 26.64 5.26 -4.50
C LEU A 455 27.84 5.21 -5.44
N VAL A 456 27.94 6.21 -6.32
CA VAL A 456 29.04 6.32 -7.28
C VAL A 456 30.34 6.75 -6.61
N ARG A 457 30.25 7.59 -5.58
CA ARG A 457 31.43 7.93 -4.80
C ARG A 457 31.82 6.67 -4.05
N SER A 458 30.83 5.92 -3.60
CA SER A 458 31.03 4.63 -2.94
C SER A 458 31.82 3.66 -3.84
N HIS A 459 31.45 3.62 -5.11
CA HIS A 459 32.12 2.75 -6.06
C HIS A 459 33.54 3.22 -6.43
N LEU A 460 33.74 4.53 -6.53
CA LEU A 460 35.05 5.09 -6.83
C LEU A 460 36.07 4.68 -5.77
N LYS A 461 35.65 4.70 -4.51
CA LYS A 461 36.48 4.26 -3.40
C LYS A 461 36.86 2.80 -3.64
N ALA A 462 35.85 1.94 -3.80
CA ALA A 462 36.05 0.51 -4.05
C ALA A 462 36.99 0.27 -5.23
N THR A 463 36.77 1.01 -6.32
CA THR A 463 37.53 0.81 -7.54
C THR A 463 38.99 1.24 -7.41
N LEU A 464 39.25 2.28 -6.62
CA LEU A 464 40.63 2.68 -6.39
C LEU A 464 41.38 1.67 -5.52
N LYS A 465 40.66 1.10 -4.55
CA LYS A 465 41.21 0.07 -3.68
C LYS A 465 41.58 -1.16 -4.51
N HIS A 466 40.68 -1.58 -5.38
CA HIS A 466 40.93 -2.74 -6.23
C HIS A 466 42.24 -2.58 -6.97
N LEU A 467 42.33 -1.52 -7.77
CA LEU A 467 43.54 -1.21 -8.55
C LEU A 467 44.82 -1.15 -7.69
N ALA A 468 44.73 -0.46 -6.56
CA ALA A 468 45.83 -0.42 -5.58
C ALA A 468 46.25 -1.83 -5.12
N CYS A 469 45.28 -2.74 -5.04
CA CYS A 469 45.56 -4.12 -4.67
C CYS A 469 45.95 -5.02 -5.86
N LEU A 470 46.03 -4.42 -7.05
CA LEU A 470 46.39 -5.09 -8.32
C LEU A 470 45.35 -6.10 -8.81
N GLU A 471 44.13 -5.99 -8.27
CA GLU A 471 43.02 -6.86 -8.61
C GLU A 471 42.37 -6.35 -9.89
N TYR A 472 43.08 -6.45 -11.01
CA TYR A 472 42.64 -5.77 -12.24
C TYR A 472 41.39 -6.36 -12.85
N SER A 473 41.34 -7.70 -12.94
CA SER A 473 40.17 -8.42 -13.47
C SER A 473 38.87 -7.95 -12.84
N THR A 474 38.89 -7.75 -11.52
CA THR A 474 37.74 -7.25 -10.79
C THR A 474 37.15 -6.01 -11.45
N VAL A 475 37.98 -4.98 -11.61
CA VAL A 475 37.55 -3.72 -12.21
C VAL A 475 36.97 -3.94 -13.61
N ALA A 476 37.70 -4.69 -14.44
CA ALA A 476 37.23 -5.03 -15.78
C ALA A 476 35.79 -5.60 -15.74
N ILE A 477 35.58 -6.66 -14.96
CA ILE A 477 34.26 -7.32 -14.87
C ILE A 477 33.20 -6.42 -14.23
N GLN A 478 33.64 -5.48 -13.41
CA GLN A 478 32.75 -4.48 -12.83
C GLN A 478 32.37 -3.41 -13.85
N ASN A 479 33.23 -3.18 -14.82
CA ASN A 479 32.92 -2.24 -15.88
C ASN A 479 31.95 -2.84 -16.90
N LYS A 480 32.01 -4.16 -17.06
CA LYS A 480 30.98 -4.91 -17.79
C LYS A 480 29.66 -4.84 -17.02
N ALA A 481 29.73 -4.94 -15.70
CA ALA A 481 28.56 -4.83 -14.86
C ALA A 481 27.78 -3.54 -15.13
N ILE A 482 28.49 -2.40 -15.11
CA ILE A 482 27.86 -1.11 -15.34
C ILE A 482 27.34 -0.96 -16.78
N ASP A 483 28.04 -1.57 -17.74
CA ASP A 483 27.58 -1.57 -19.14
C ASP A 483 26.29 -2.35 -19.29
N ASP A 484 26.24 -3.53 -18.66
CA ASP A 484 25.08 -4.42 -18.73
C ASP A 484 23.85 -3.84 -18.06
N PHE A 485 24.06 -3.11 -16.96
CA PHE A 485 23.00 -2.39 -16.27
C PHE A 485 22.38 -1.32 -17.15
N LEU A 486 23.23 -0.60 -17.89
CA LEU A 486 22.81 0.54 -18.70
C LEU A 486 22.10 0.12 -19.98
N ALA A 487 22.23 -1.15 -20.33
CA ALA A 487 21.51 -1.71 -21.48
C ALA A 487 20.05 -2.00 -21.15
N GLY A 488 19.71 -1.94 -19.86
CA GLY A 488 18.32 -2.06 -19.44
C GLY A 488 17.84 -3.43 -19.01
N PRO A 489 16.53 -3.55 -18.70
CA PRO A 489 15.92 -4.76 -18.17
C PRO A 489 15.72 -5.85 -19.23
N GLU A 490 15.23 -5.46 -20.40
CA GLU A 490 15.03 -6.37 -21.52
C GLU A 490 16.31 -7.17 -21.76
N HIS A 491 17.44 -6.47 -21.69
CA HIS A 491 18.77 -7.08 -21.91
C HIS A 491 19.24 -7.96 -20.75
N ILE A 492 19.03 -7.51 -19.52
CA ILE A 492 19.37 -8.30 -18.32
C ILE A 492 18.73 -9.69 -18.35
N PHE A 493 17.49 -9.77 -18.82
CA PHE A 493 16.76 -11.04 -18.84
C PHE A 493 17.35 -12.06 -19.83
N SER A 494 17.86 -11.56 -20.96
CA SER A 494 18.42 -12.43 -22.00
C SER A 494 19.80 -13.01 -21.63
N ILE A 495 20.52 -12.32 -20.74
CA ILE A 495 21.86 -12.74 -20.30
C ILE A 495 21.79 -13.46 -18.95
N LEU A 496 20.63 -14.01 -18.60
CA LEU A 496 20.50 -14.76 -17.36
C LEU A 496 21.45 -15.95 -17.35
N GLU A 497 21.47 -16.71 -18.45
CA GLU A 497 22.38 -17.84 -18.63
C GLU A 497 23.74 -17.44 -19.21
N SER A 498 23.73 -16.62 -20.25
CA SER A 498 24.94 -16.27 -20.99
C SER A 498 25.98 -15.47 -20.21
N ALA A 499 25.56 -14.76 -19.17
CA ALA A 499 26.43 -13.80 -18.45
C ALA A 499 27.60 -14.42 -17.70
N LEU A 500 27.35 -15.56 -17.04
CA LEU A 500 28.38 -16.25 -16.26
C LEU A 500 29.58 -16.66 -17.11
N PRO A 501 29.35 -17.40 -18.22
CA PRO A 501 30.47 -17.73 -19.13
C PRO A 501 31.23 -16.51 -19.61
N GLN A 502 30.50 -15.42 -19.87
CA GLN A 502 31.06 -14.17 -20.37
C GLN A 502 32.03 -13.52 -19.37
N VAL A 503 31.67 -13.53 -18.08
CA VAL A 503 32.58 -13.07 -17.02
C VAL A 503 33.89 -13.85 -17.04
N HIS A 504 33.80 -15.18 -17.08
CA HIS A 504 34.99 -16.04 -17.12
C HIS A 504 35.90 -15.75 -18.31
N ARG A 505 35.30 -15.63 -19.51
CA ARG A 505 36.05 -15.32 -20.73
C ARG A 505 36.90 -14.07 -20.52
N ILE A 506 36.30 -13.03 -19.93
CA ILE A 506 37.00 -11.80 -19.62
C ILE A 506 38.13 -12.00 -18.60
N ARG A 507 37.87 -12.89 -17.63
CA ARG A 507 38.81 -13.10 -16.52
C ARG A 507 40.07 -13.89 -16.90
N LYS A 508 39.96 -14.74 -17.92
CA LYS A 508 41.11 -15.52 -18.40
C LYS A 508 42.34 -14.67 -18.69
N SER A 509 42.12 -13.46 -19.21
CA SER A 509 43.19 -12.52 -19.58
C SER A 509 44.16 -12.20 -18.45
N TYR A 510 43.61 -11.91 -17.28
CA TYR A 510 44.36 -11.34 -16.17
C TYR A 510 45.02 -12.39 -15.27
N PRO A 511 46.34 -12.26 -15.06
CA PRO A 511 47.14 -13.16 -14.23
C PRO A 511 46.60 -13.26 -12.81
N ASP A 512 45.95 -12.19 -12.36
CA ASP A 512 45.38 -12.11 -11.01
C ASP A 512 44.05 -12.86 -10.85
N ALA A 513 43.51 -13.34 -11.96
CA ALA A 513 42.25 -14.08 -11.94
C ALA A 513 42.47 -15.56 -12.26
N VAL A 514 43.71 -15.94 -12.53
CA VAL A 514 44.02 -17.33 -12.86
C VAL A 514 44.67 -17.99 -11.65
N VAL A 515 43.94 -18.93 -11.06
CA VAL A 515 44.40 -19.62 -9.86
C VAL A 515 45.43 -20.68 -10.20
N LEU A 516 46.51 -20.72 -9.43
CA LEU A 516 47.53 -21.75 -9.53
C LEU A 516 47.65 -22.46 -8.20
N PRO A 517 47.77 -23.82 -8.22
CA PRO A 517 47.61 -24.65 -7.02
C PRO A 517 48.53 -24.29 -5.85
N ALA A 518 49.77 -23.93 -6.13
CA ALA A 518 50.70 -23.56 -5.07
C ALA A 518 51.56 -22.38 -5.52
N ALA A 519 52.19 -21.70 -4.57
CA ALA A 519 53.14 -20.65 -4.93
C ALA A 519 54.47 -21.25 -5.37
N SER A 520 54.68 -22.53 -5.03
CA SER A 520 55.87 -23.28 -5.44
C SER A 520 55.80 -23.76 -6.90
N GLU A 521 54.67 -23.49 -7.54
CA GLU A 521 54.50 -23.67 -8.97
C GLU A 521 55.23 -22.56 -9.71
N LEU A 522 55.62 -21.53 -8.97
CA LEU A 522 56.30 -20.35 -9.51
C LEU A 522 57.70 -20.25 -8.93
N PRO A 523 58.58 -19.44 -9.56
CA PRO A 523 59.93 -19.26 -9.01
C PRO A 523 59.91 -18.61 -7.63
N PRO A 524 60.78 -19.09 -6.70
CA PRO A 524 60.80 -18.59 -5.32
C PRO A 524 60.88 -17.05 -5.25
N PRO A 525 60.27 -16.45 -4.21
CA PRO A 525 60.21 -14.98 -4.10
C PRO A 525 61.58 -14.33 -3.96
N LEU A 526 61.70 -13.13 -4.54
CA LEU A 526 62.92 -12.31 -4.44
C LEU A 526 63.20 -11.89 -3.00
N HIS A 527 62.17 -11.41 -2.30
CA HIS A 527 62.27 -11.08 -0.88
C HIS A 527 61.47 -12.07 -0.05
N LYS A 528 61.98 -12.41 1.13
CA LYS A 528 61.21 -13.17 2.12
C LYS A 528 60.20 -12.18 2.67
N ASN A 529 59.05 -12.67 3.12
CA ASN A 529 58.02 -11.78 3.64
C ASN A 529 58.38 -11.18 4.99
N LYS A 530 58.06 -9.91 5.16
CA LYS A 530 58.26 -9.25 6.46
C LYS A 530 56.93 -8.88 7.09
N ALA A 531 56.85 -9.04 8.41
CA ALA A 531 55.67 -8.64 9.16
C ALA A 531 55.50 -7.12 9.09
N MET A 532 54.44 -6.67 8.41
CA MET A 532 54.12 -5.25 8.33
C MET A 532 52.79 -4.98 9.01
N LYS A 533 52.86 -4.40 10.22
CA LYS A 533 51.69 -4.18 11.08
C LYS A 533 50.65 -3.21 10.50
N PRO A 534 49.34 -3.51 10.73
CA PRO A 534 48.22 -2.69 10.26
C PRO A 534 48.28 -1.23 10.75
N PRO A 535 48.47 -0.28 9.81
CA PRO A 535 48.47 1.15 10.15
C PRO A 535 47.07 1.67 10.42
N VAL A 536 46.79 2.01 11.67
CA VAL A 536 45.54 2.66 12.05
C VAL A 536 45.87 3.95 12.82
N ASN A 537 47.05 4.49 12.54
CA ASN A 537 47.49 5.79 13.06
C ASN A 537 47.41 6.82 11.93
N PRO A 538 46.76 7.98 12.19
CA PRO A 538 46.46 8.98 11.15
C PRO A 538 47.68 9.44 10.34
N LEU A 539 48.82 9.63 11.01
CA LEU A 539 50.07 10.04 10.38
C LEU A 539 50.59 8.95 9.44
N VAL A 540 50.42 7.69 9.84
CA VAL A 540 50.98 6.55 9.13
C VAL A 540 50.17 6.10 7.91
N ILE A 541 48.84 6.12 8.01
CA ILE A 541 47.99 5.87 6.84
C ILE A 541 48.15 6.96 5.77
N GLY A 542 48.53 8.16 6.20
CA GLY A 542 48.83 9.28 5.31
C GLY A 542 50.11 9.04 4.53
N TYR A 543 51.15 8.61 5.24
CA TYR A 543 52.44 8.29 4.62
C TYR A 543 52.41 6.99 3.78
N ARG A 544 51.83 5.91 4.31
CA ARG A 544 51.73 4.62 3.57
C ARG A 544 50.94 4.72 2.27
N LEU A 545 50.03 5.69 2.21
CA LEU A 545 49.23 5.98 1.03
C LEU A 545 49.99 6.86 0.03
N ALA A 546 50.81 7.78 0.55
CA ALA A 546 51.65 8.63 -0.27
C ALA A 546 52.70 7.80 -1.02
N ARG A 547 53.30 6.85 -0.31
CA ARG A 547 54.21 5.88 -0.92
C ARG A 547 53.48 5.11 -2.01
N GLY A 548 52.24 4.72 -1.72
CA GLY A 548 51.38 4.03 -2.67
C GLY A 548 51.14 4.79 -3.96
N ILE A 549 50.71 6.04 -3.84
CA ILE A 549 50.44 6.84 -5.02
C ILE A 549 51.72 7.02 -5.86
N MET A 550 52.79 7.49 -5.22
CA MET A 550 54.03 7.83 -5.93
C MET A 550 54.70 6.65 -6.65
N HIS A 551 54.83 5.51 -5.95
CA HIS A 551 55.33 4.29 -6.58
C HIS A 551 54.44 3.89 -7.75
N ASN A 552 53.13 3.95 -7.54
CA ASN A 552 52.14 3.64 -8.58
C ASN A 552 52.23 4.55 -9.81
N LEU A 553 53.08 5.56 -9.75
CA LEU A 553 53.34 6.40 -10.92
C LEU A 553 54.57 5.95 -11.72
N THR A 554 55.46 5.18 -11.08
CA THR A 554 56.68 4.71 -11.74
C THR A 554 56.40 3.52 -12.68
N ALA A 555 57.23 3.39 -13.72
CA ALA A 555 57.10 2.29 -14.68
C ALA A 555 57.46 0.97 -14.03
N ALA A 556 56.54 0.01 -14.08
CA ALA A 556 56.72 -1.31 -13.47
C ALA A 556 57.87 -2.11 -14.10
N ASN A 557 58.71 -2.69 -13.26
CA ASN A 557 59.80 -3.55 -13.72
C ASN A 557 59.24 -4.91 -14.14
N PRO A 558 59.44 -5.31 -15.41
CA PRO A 558 58.89 -6.58 -15.90
C PRO A 558 59.56 -7.85 -15.37
N GLN A 559 60.75 -7.72 -14.77
CA GLN A 559 61.42 -8.86 -14.13
C GLN A 559 60.58 -9.42 -12.98
N HIS A 560 59.72 -8.56 -12.43
CA HIS A 560 58.85 -8.89 -11.30
C HIS A 560 57.52 -9.50 -11.76
N HIS A 561 57.31 -9.58 -13.06
CA HIS A 561 56.18 -10.33 -13.62
C HIS A 561 56.60 -11.76 -13.98
N ARG A 562 57.91 -12.00 -13.94
CA ARG A 562 58.49 -13.31 -14.20
C ARG A 562 58.95 -14.00 -12.92
N ARG A 563 59.28 -13.18 -11.92
CA ARG A 563 59.61 -13.69 -10.58
C ARG A 563 59.00 -12.79 -9.51
N PRO A 564 57.99 -13.31 -8.79
CA PRO A 564 57.24 -12.52 -7.81
C PRO A 564 58.13 -11.98 -6.68
N GLU A 565 57.85 -10.75 -6.27
CA GLU A 565 58.58 -10.11 -5.17
C GLU A 565 58.27 -10.74 -3.81
N PHE A 566 57.06 -11.28 -3.66
CA PHE A 566 56.61 -11.85 -2.39
C PHE A 566 55.69 -13.07 -2.55
N ASN A 567 55.55 -13.84 -1.47
CA ASN A 567 54.51 -14.87 -1.35
C ASN A 567 53.49 -14.43 -0.29
N VAL A 568 52.52 -13.62 -0.72
CA VAL A 568 51.62 -12.96 0.22
C VAL A 568 50.49 -13.87 0.69
N PRO A 569 50.36 -14.02 2.02
CA PRO A 569 49.21 -14.69 2.59
C PRO A 569 47.98 -13.78 2.51
N THR A 570 46.82 -14.39 2.24
CA THR A 570 45.54 -13.69 2.17
C THR A 570 45.42 -12.57 3.20
N GLN A 571 45.57 -12.95 4.47
CA GLN A 571 45.46 -12.03 5.61
C GLN A 571 46.32 -10.78 5.48
N ASP A 572 47.56 -10.94 5.03
CA ASP A 572 48.51 -9.82 4.97
C ASP A 572 48.40 -8.95 3.71
N ALA A 573 47.49 -9.31 2.81
CA ALA A 573 47.42 -8.70 1.47
C ALA A 573 46.41 -7.56 1.35
N ARG A 574 46.71 -6.42 1.96
CA ARG A 574 45.81 -5.27 1.90
C ARG A 574 46.39 -4.15 1.01
N TRP A 575 45.74 -2.99 1.01
CA TRP A 575 46.19 -1.87 0.18
C TRP A 575 47.62 -1.45 0.48
N PHE A 576 47.96 -1.38 1.78
CA PHE A 576 49.24 -0.82 2.20
C PHE A 576 50.45 -1.68 1.87
N LEU A 577 50.23 -2.99 1.70
CA LEU A 577 51.33 -3.87 1.32
C LEU A 577 51.47 -4.00 -0.21
N LEU A 578 50.34 -3.99 -0.92
CA LEU A 578 50.39 -4.29 -2.33
C LEU A 578 50.71 -3.07 -3.20
N CYS A 579 50.64 -1.88 -2.61
CA CYS A 579 50.84 -0.64 -3.37
C CYS A 579 52.32 -0.29 -3.56
N THR A 580 53.20 -1.08 -2.97
CA THR A 580 54.64 -0.84 -3.08
C THR A 580 55.32 -1.80 -4.07
N VAL A 581 54.65 -2.92 -4.36
CA VAL A 581 55.22 -3.98 -5.21
C VAL A 581 54.81 -3.84 -6.68
N ASP A 582 55.59 -4.49 -7.55
CA ASP A 582 55.26 -4.58 -8.96
C ASP A 582 54.67 -5.96 -9.31
N GLY A 583 55.03 -6.96 -8.53
CA GLY A 583 54.50 -8.30 -8.75
C GLY A 583 54.61 -9.17 -7.52
N ALA A 584 53.54 -9.90 -7.21
CA ALA A 584 53.51 -10.79 -6.04
C ALA A 584 52.36 -11.81 -6.13
N THR A 585 52.58 -13.00 -5.56
CA THR A 585 51.51 -14.01 -5.42
C THR A 585 50.64 -13.72 -4.20
N VAL A 586 49.32 -13.88 -4.34
CA VAL A 586 48.38 -13.70 -3.23
C VAL A 586 47.50 -14.93 -3.12
N THR A 587 47.42 -15.49 -1.91
CA THR A 587 46.67 -16.73 -1.68
C THR A 587 45.16 -16.48 -1.68
N THR A 588 44.46 -17.30 -2.47
CA THR A 588 43.00 -17.23 -2.56
C THR A 588 42.38 -17.34 -1.17
N ALA A 589 41.19 -16.77 -1.02
CA ALA A 589 40.60 -16.64 0.31
C ALA A 589 40.20 -17.98 0.94
N ASP A 590 39.92 -19.00 0.12
CA ASP A 590 39.74 -20.37 0.64
C ASP A 590 41.05 -21.01 1.09
N GLY A 591 42.16 -20.52 0.52
CA GLY A 591 43.50 -21.01 0.82
C GLY A 591 43.83 -22.25 0.01
N CYS A 592 43.17 -22.37 -1.15
CA CYS A 592 43.32 -23.53 -2.01
C CYS A 592 44.28 -23.29 -3.16
N GLY A 593 44.60 -22.03 -3.42
CA GLY A 593 45.52 -21.69 -4.49
C GLY A 593 46.09 -20.30 -4.33
N VAL A 594 46.87 -19.87 -5.32
CA VAL A 594 47.38 -18.49 -5.39
C VAL A 594 47.21 -17.87 -6.77
N VAL A 595 46.97 -16.58 -6.79
CA VAL A 595 47.02 -15.84 -8.04
C VAL A 595 48.30 -15.03 -8.07
N TYR A 596 48.85 -14.82 -9.27
CA TYR A 596 50.00 -13.97 -9.44
C TYR A 596 49.53 -12.56 -9.85
N ARG A 597 49.28 -11.71 -8.86
CA ARG A 597 48.98 -10.30 -9.12
C ARG A 597 50.23 -9.57 -9.59
N GLN A 598 50.08 -8.83 -10.70
CA GLN A 598 51.17 -8.13 -11.36
C GLN A 598 50.75 -6.72 -11.75
N ARG A 599 51.39 -5.71 -11.15
CA ARG A 599 51.12 -4.31 -11.45
C ARG A 599 51.56 -3.90 -12.85
N ASP A 600 50.74 -3.08 -13.50
CA ASP A 600 51.10 -2.45 -14.79
C ASP A 600 50.48 -1.07 -14.87
N ARG A 601 51.29 -0.05 -15.12
CA ARG A 601 50.78 1.31 -15.10
C ARG A 601 49.83 1.59 -16.28
N ALA A 602 50.22 1.10 -17.45
CA ALA A 602 49.45 1.32 -18.68
C ALA A 602 48.07 0.68 -18.62
N LYS A 603 48.00 -0.55 -18.15
CA LYS A 603 46.73 -1.30 -18.06
C LYS A 603 45.82 -0.74 -16.98
N MET A 604 46.43 -0.21 -15.91
CA MET A 604 45.70 0.30 -14.76
C MET A 604 44.98 1.61 -15.10
N PHE A 605 45.73 2.60 -15.59
CA PHE A 605 45.13 3.88 -16.00
C PHE A 605 44.01 3.69 -17.03
N ALA A 606 44.13 2.65 -17.85
CA ALA A 606 43.08 2.28 -18.82
C ALA A 606 41.81 1.86 -18.08
N LEU A 607 41.93 0.86 -17.21
CA LEU A 607 40.83 0.43 -16.37
C LEU A 607 40.27 1.59 -15.56
N LEU A 608 41.14 2.43 -15.02
CA LEU A 608 40.70 3.57 -14.22
C LEU A 608 39.91 4.58 -15.04
N TRP A 609 40.28 4.74 -16.31
CA TRP A 609 39.57 5.65 -17.19
C TRP A 609 38.20 5.09 -17.54
N GLN A 610 38.17 3.81 -17.92
CA GLN A 610 36.93 3.12 -18.22
C GLN A 610 35.98 3.12 -17.02
N SER A 611 36.53 2.96 -15.80
CA SER A 611 35.73 3.07 -14.58
C SER A 611 35.18 4.48 -14.37
N LEU A 612 36.03 5.49 -14.56
CA LEU A 612 35.59 6.88 -14.46
C LEU A 612 34.52 7.23 -15.49
N ARG A 613 34.69 6.75 -16.72
CA ARG A 613 33.71 6.96 -17.78
C ARG A 613 32.35 6.35 -17.45
N ARG A 614 32.34 5.17 -16.84
CA ARG A 614 31.09 4.51 -16.43
C ARG A 614 30.40 5.17 -15.25
N GLN A 615 31.18 5.67 -14.30
CA GLN A 615 30.62 6.34 -13.13
C GLN A 615 29.95 7.64 -13.55
N ARG A 616 30.56 8.35 -14.49
CA ARG A 616 29.96 9.57 -15.05
C ARG A 616 28.67 9.23 -15.80
N GLN A 617 28.68 8.09 -16.50
CA GLN A 617 27.49 7.61 -17.20
C GLN A 617 26.34 7.34 -16.24
N LEU A 618 26.66 6.71 -15.10
CA LEU A 618 25.65 6.35 -14.10
C LEU A 618 24.87 7.56 -13.59
N LEU A 619 25.56 8.54 -13.00
CA LEU A 619 24.89 9.73 -12.46
C LEU A 619 24.17 10.57 -13.52
N LYS A 620 24.61 10.43 -14.77
CA LYS A 620 23.95 11.06 -15.92
C LYS A 620 22.64 10.33 -16.24
N ARG A 621 22.69 9.01 -16.24
CA ARG A 621 21.59 8.20 -16.73
C ARG A 621 20.78 7.44 -15.67
N PHE A 622 20.96 7.78 -14.39
CA PHE A 622 20.24 7.03 -13.37
C PHE A 622 18.75 7.35 -13.29
N GLU A 623 18.40 8.64 -13.37
CA GLU A 623 17.00 9.08 -13.51
C GLU A 623 16.28 8.24 -14.57
N GLU A 624 16.98 8.02 -15.67
CA GLU A 624 16.48 7.28 -16.83
C GLU A 624 16.34 5.79 -16.54
N MET A 625 17.26 5.26 -15.73
CA MET A 625 17.27 3.83 -15.41
C MET A 625 16.15 3.48 -14.44
N ARG A 626 15.90 4.38 -13.47
CA ARG A 626 14.76 4.23 -12.55
C ARG A 626 13.48 4.08 -13.33
N ARG A 627 13.27 4.99 -14.29
CA ARG A 627 12.05 5.03 -15.11
C ARG A 627 11.89 3.73 -15.90
N ILE A 628 12.93 3.31 -16.60
CA ILE A 628 12.80 2.16 -17.49
C ILE A 628 12.79 0.82 -16.74
N TYR A 629 13.52 0.74 -15.62
CA TYR A 629 13.49 -0.47 -14.79
C TYR A 629 12.16 -0.66 -14.04
N ARG A 630 11.67 0.38 -13.36
CA ARG A 630 10.40 0.31 -12.63
C ARG A 630 9.27 -0.10 -13.57
N ASP A 631 9.27 0.47 -14.78
CA ASP A 631 8.25 0.19 -15.79
C ASP A 631 8.23 -1.26 -16.25
N ALA A 632 9.38 -1.93 -16.13
CA ALA A 632 9.57 -3.27 -16.70
C ALA A 632 9.36 -4.39 -15.69
N LEU A 633 8.91 -4.02 -14.49
CA LEU A 633 8.78 -4.97 -13.38
C LEU A 633 7.67 -6.02 -13.58
N PRO A 634 6.46 -5.61 -14.03
CA PRO A 634 5.44 -6.60 -14.36
C PRO A 634 5.96 -7.69 -15.31
N THR A 635 6.78 -7.32 -16.28
CA THR A 635 7.39 -8.29 -17.18
C THR A 635 8.43 -9.17 -16.46
N LEU A 636 9.42 -8.53 -15.84
CA LEU A 636 10.54 -9.22 -15.19
C LEU A 636 10.10 -10.20 -14.11
N SER A 637 8.97 -9.92 -13.48
CA SER A 637 8.43 -10.74 -12.38
C SER A 637 7.23 -11.57 -12.80
N SER A 638 6.94 -11.62 -14.10
CA SER A 638 5.84 -12.42 -14.64
C SER A 638 6.17 -13.91 -14.69
N LYS A 639 5.17 -14.73 -14.37
CA LYS A 639 5.27 -16.18 -14.52
C LYS A 639 5.38 -16.55 -16.01
N GLN A 640 4.59 -15.85 -16.83
CA GLN A 640 4.57 -16.04 -18.27
C GLN A 640 5.94 -15.80 -18.90
N LYS A 641 6.62 -14.75 -18.45
CA LYS A 641 7.93 -14.39 -18.98
C LYS A 641 9.01 -15.37 -18.52
N TRP A 642 8.95 -15.76 -17.26
CA TRP A 642 9.89 -16.76 -16.71
C TRP A 642 9.72 -18.13 -17.35
N GLU A 643 8.53 -18.41 -17.88
CA GLU A 643 8.28 -19.67 -18.60
C GLU A 643 9.28 -19.86 -19.75
N THR A 644 9.58 -18.78 -20.47
CA THR A 644 10.40 -18.83 -21.69
C THR A 644 11.91 -18.98 -21.41
N ALA A 645 12.26 -19.05 -20.14
CA ALA A 645 13.65 -19.36 -19.75
C ALA A 645 13.73 -20.57 -18.81
N LEU A 646 12.60 -20.99 -18.25
CA LEU A 646 12.54 -22.12 -17.30
C LEU A 646 12.16 -23.46 -17.95
N LEU A 647 11.37 -23.42 -19.02
CA LEU A 647 10.92 -24.64 -19.69
C LEU A 647 11.58 -24.83 -21.07
N PRO A 648 12.15 -26.03 -21.34
CA PRO A 648 12.75 -26.38 -22.64
C PRO A 648 11.83 -26.17 -23.86
N MET B 21 -14.18 -18.40 -5.57
CA MET B 21 -14.54 -19.82 -5.25
C MET B 21 -13.42 -20.76 -5.72
N SER B 22 -12.64 -20.29 -6.69
CA SER B 22 -11.44 -20.99 -7.16
C SER B 22 -10.40 -19.94 -7.60
N GLU B 23 -10.06 -19.06 -6.66
CA GLU B 23 -9.16 -17.89 -6.85
C GLU B 23 -9.88 -16.62 -7.33
N LEU B 24 -11.19 -16.74 -7.59
CA LEU B 24 -12.02 -15.65 -8.11
C LEU B 24 -12.12 -14.45 -7.17
N ALA B 25 -12.43 -14.72 -5.90
CA ALA B 25 -12.76 -13.71 -4.89
C ALA B 25 -11.90 -12.44 -4.93
N ALA B 26 -10.61 -12.59 -4.60
CA ALA B 26 -9.67 -11.46 -4.44
C ALA B 26 -9.48 -10.56 -5.68
N SER B 27 -9.54 -11.18 -6.87
CA SER B 27 -9.31 -10.46 -8.13
C SER B 27 -10.55 -9.74 -8.70
N LEU B 28 -11.66 -9.74 -7.97
CA LEU B 28 -12.91 -9.18 -8.48
C LEU B 28 -12.99 -7.67 -8.36
N LEU B 29 -13.22 -7.00 -9.48
CA LEU B 29 -13.31 -5.54 -9.50
C LEU B 29 -14.75 -5.04 -9.36
N SER B 30 -15.61 -5.41 -10.30
CA SER B 30 -17.03 -5.06 -10.22
C SER B 30 -17.96 -6.16 -10.75
N ARG B 31 -19.09 -6.33 -10.05
CA ARG B 31 -20.06 -7.37 -10.38
C ARG B 31 -21.04 -6.89 -11.43
N VAL B 32 -21.51 -7.80 -12.27
CA VAL B 32 -22.63 -7.51 -13.14
C VAL B 32 -23.87 -7.59 -12.26
N ILE B 33 -24.54 -6.45 -12.09
CA ILE B 33 -25.69 -6.33 -11.19
C ILE B 33 -26.98 -5.96 -11.90
N LEU B 34 -28.09 -6.50 -11.39
CA LEU B 34 -29.40 -6.31 -12.00
C LEU B 34 -30.33 -5.57 -11.04
N PRO B 35 -31.45 -4.99 -11.54
CA PRO B 35 -32.35 -4.21 -10.69
C PRO B 35 -33.14 -5.07 -9.72
N ARG B 36 -33.62 -4.44 -8.66
CA ARG B 36 -34.52 -5.03 -7.69
C ARG B 36 -35.85 -5.35 -8.39
N PRO B 37 -36.64 -6.28 -7.83
CA PRO B 37 -37.97 -6.44 -8.45
C PRO B 37 -38.86 -5.19 -8.27
N GLY B 38 -39.53 -4.81 -9.35
CA GLY B 38 -40.46 -3.69 -9.32
C GLY B 38 -39.79 -2.37 -9.60
N GLU B 39 -38.48 -2.43 -9.88
CA GLU B 39 -37.73 -1.23 -10.26
C GLU B 39 -38.31 -0.63 -11.54
N PRO B 40 -38.62 0.69 -11.53
CA PRO B 40 -39.06 1.53 -12.64
C PRO B 40 -38.23 1.30 -13.89
N LEU B 41 -38.87 1.43 -15.04
CA LEU B 41 -38.18 1.07 -16.28
C LEU B 41 -37.03 2.05 -16.62
N ASP B 42 -37.24 3.33 -16.34
CA ASP B 42 -36.15 4.32 -16.40
C ASP B 42 -34.88 3.86 -15.70
N VAL B 43 -34.99 3.54 -14.42
CA VAL B 43 -33.85 3.11 -13.60
C VAL B 43 -33.18 1.82 -14.13
N ARG B 44 -33.96 0.94 -14.75
CA ARG B 44 -33.41 -0.32 -15.26
C ARG B 44 -32.41 -0.09 -16.39
N LYS B 45 -32.34 1.14 -16.87
CA LYS B 45 -31.48 1.43 -18.00
C LYS B 45 -30.06 1.79 -17.53
N LEU B 46 -29.88 1.82 -16.21
CA LEU B 46 -28.57 1.95 -15.62
C LEU B 46 -27.91 0.57 -15.55
N TYR B 47 -28.72 -0.48 -15.67
CA TYR B 47 -28.22 -1.86 -15.56
C TYR B 47 -28.20 -2.64 -16.88
N LEU B 48 -29.28 -2.56 -17.65
CA LEU B 48 -29.40 -3.37 -18.84
C LEU B 48 -30.31 -2.72 -19.89
N GLU B 49 -30.04 -3.01 -21.17
CA GLU B 49 -30.67 -2.35 -22.30
C GLU B 49 -31.16 -3.40 -23.28
N GLU B 50 -32.47 -3.66 -23.27
CA GLU B 50 -33.07 -4.76 -24.02
C GLU B 50 -33.64 -4.33 -25.36
N SER B 51 -33.46 -5.17 -26.38
CA SER B 51 -33.98 -4.89 -27.71
C SER B 51 -35.49 -4.76 -27.64
N THR B 52 -36.03 -3.72 -28.27
CA THR B 52 -37.49 -3.51 -28.25
C THR B 52 -38.13 -4.71 -28.94
N THR B 53 -37.32 -5.41 -29.72
CA THR B 53 -37.82 -6.48 -30.57
C THR B 53 -37.81 -7.82 -29.85
N ASN B 54 -37.34 -7.84 -28.61
CA ASN B 54 -37.44 -9.04 -27.78
C ASN B 54 -38.89 -9.34 -27.49
N ALA B 55 -39.23 -10.62 -27.53
CA ALA B 55 -40.60 -11.08 -27.25
C ALA B 55 -41.05 -10.78 -25.81
N ARG B 56 -40.12 -10.80 -24.88
CA ARG B 56 -40.44 -10.57 -23.47
C ARG B 56 -39.36 -9.76 -22.77
N ARG B 57 -39.78 -9.05 -21.73
CA ARG B 57 -38.86 -8.36 -20.85
C ARG B 57 -38.00 -9.42 -20.13
N ALA B 58 -36.73 -9.09 -19.91
CA ALA B 58 -35.84 -10.01 -19.23
C ALA B 58 -36.21 -9.96 -17.77
N HIS B 59 -36.04 -11.08 -17.08
CA HIS B 59 -36.40 -11.18 -15.67
C HIS B 59 -35.16 -11.41 -14.83
N ALA B 60 -34.99 -10.60 -13.79
CA ALA B 60 -33.86 -10.77 -12.88
C ALA B 60 -34.28 -11.49 -11.60
N PRO B 61 -34.05 -12.82 -11.51
CA PRO B 61 -34.46 -13.55 -10.31
C PRO B 61 -33.78 -13.04 -9.06
N THR B 62 -32.49 -12.68 -9.16
CA THR B 62 -31.77 -12.10 -8.02
C THR B 62 -30.95 -10.92 -8.52
N ARG B 63 -30.50 -10.06 -7.60
CA ARG B 63 -29.70 -8.88 -7.93
C ARG B 63 -28.49 -9.18 -8.84
N THR B 64 -28.09 -10.45 -8.94
CA THR B 64 -26.91 -10.80 -9.77
C THR B 64 -27.15 -11.88 -10.86
N SER B 65 -28.39 -12.23 -11.11
CA SER B 65 -28.75 -13.18 -12.18
C SER B 65 -29.89 -12.65 -13.05
N LEU B 66 -29.83 -12.95 -14.35
CA LEU B 66 -30.86 -12.47 -15.25
C LEU B 66 -31.34 -13.64 -16.09
N GLN B 67 -32.60 -13.61 -16.51
CA GLN B 67 -33.13 -14.62 -17.42
C GLN B 67 -33.57 -13.96 -18.73
N ILE B 68 -32.94 -14.40 -19.82
CA ILE B 68 -33.20 -13.83 -21.13
C ILE B 68 -33.98 -14.86 -21.94
N GLY B 69 -35.00 -14.40 -22.66
CA GLY B 69 -35.81 -15.27 -23.50
C GLY B 69 -35.02 -15.82 -24.68
N ALA B 70 -35.59 -16.78 -25.41
CA ALA B 70 -34.98 -17.25 -26.63
C ALA B 70 -34.98 -16.12 -27.67
N GLU B 71 -34.04 -16.20 -28.63
CA GLU B 71 -33.93 -15.23 -29.73
C GLU B 71 -34.03 -13.76 -29.24
N SER B 72 -33.28 -13.45 -28.18
CA SER B 72 -33.29 -12.12 -27.58
C SER B 72 -31.89 -11.56 -27.46
N GLU B 73 -31.78 -10.26 -27.58
CA GLU B 73 -30.52 -9.59 -27.34
C GLU B 73 -30.71 -8.64 -26.19
N VAL B 74 -29.76 -8.62 -25.26
CA VAL B 74 -29.77 -7.60 -24.22
C VAL B 74 -28.37 -7.03 -24.15
N SER B 75 -28.27 -5.74 -23.85
CA SER B 75 -26.99 -5.08 -23.88
C SER B 75 -26.62 -4.59 -22.50
N PHE B 76 -25.42 -4.92 -22.05
CA PHE B 76 -24.95 -4.44 -20.75
C PHE B 76 -24.05 -3.21 -20.88
N ALA B 77 -24.34 -2.42 -21.91
CA ALA B 77 -23.62 -1.18 -22.20
C ALA B 77 -24.29 -0.06 -21.42
N THR B 78 -24.20 -0.21 -20.11
CA THR B 78 -24.94 0.63 -19.20
C THR B 78 -24.01 1.13 -18.10
N TYR B 79 -24.50 2.09 -17.32
CA TYR B 79 -23.71 2.77 -16.30
C TYR B 79 -23.16 1.83 -15.23
N PHE B 80 -23.97 0.86 -14.80
CA PHE B 80 -23.56 -0.02 -13.70
C PHE B 80 -22.84 -1.28 -14.16
N ASN B 81 -22.89 -1.58 -15.46
CA ASN B 81 -22.36 -2.86 -15.94
C ASN B 81 -21.29 -2.80 -17.01
N ALA B 82 -21.00 -1.60 -17.51
CA ALA B 82 -19.89 -1.43 -18.42
C ALA B 82 -18.67 -1.10 -17.58
N PHE B 83 -17.49 -1.45 -18.09
CA PHE B 83 -16.26 -1.21 -17.36
C PHE B 83 -15.57 0.08 -17.83
N PRO B 84 -15.43 1.06 -16.91
CA PRO B 84 -14.80 2.33 -17.26
C PRO B 84 -13.29 2.16 -17.44
N ALA B 85 -12.90 1.54 -18.55
CA ALA B 85 -11.54 1.06 -18.76
C ALA B 85 -10.44 2.12 -18.70
N SER B 86 -10.72 3.33 -19.18
CA SER B 86 -9.70 4.38 -19.21
C SER B 86 -9.27 4.85 -17.83
N TYR B 87 -10.21 4.85 -16.90
CA TYR B 87 -9.96 5.26 -15.51
C TYR B 87 -9.10 4.22 -14.79
N TRP B 88 -9.35 2.95 -15.10
CA TRP B 88 -8.57 1.88 -14.56
C TRP B 88 -7.19 1.92 -15.15
N ARG B 89 -7.10 2.18 -16.45
CA ARG B 89 -5.82 2.30 -17.14
C ARG B 89 -4.97 3.43 -16.56
N ARG B 90 -5.57 4.61 -16.42
CA ARG B 90 -4.84 5.80 -16.02
C ARG B 90 -4.39 5.78 -14.58
N TRP B 91 -5.18 5.18 -13.70
CA TRP B 91 -4.94 5.30 -12.28
C TRP B 91 -4.50 4.05 -11.52
N THR B 92 -4.65 2.87 -12.12
CA THR B 92 -4.27 1.62 -11.42
C THR B 92 -3.14 0.84 -12.11
N THR B 93 -2.61 -0.16 -11.42
CA THR B 93 -1.57 -1.02 -11.97
C THR B 93 -2.10 -2.06 -12.96
N CYS B 94 -3.42 -2.21 -13.06
CA CYS B 94 -4.07 -3.22 -13.95
C CYS B 94 -3.73 -3.09 -15.42
N LYS B 95 -3.06 -4.10 -15.99
CA LYS B 95 -2.69 -4.05 -17.41
C LYS B 95 -3.81 -4.48 -18.34
N SER B 96 -4.61 -5.44 -17.90
CA SER B 96 -5.83 -5.84 -18.61
C SER B 96 -6.92 -6.26 -17.61
N VAL B 97 -8.16 -6.26 -18.05
CA VAL B 97 -9.27 -6.74 -17.23
C VAL B 97 -9.90 -8.00 -17.84
N VAL B 98 -10.44 -8.87 -16.99
CA VAL B 98 -11.05 -10.12 -17.43
C VAL B 98 -12.53 -10.16 -17.14
N LEU B 99 -13.33 -10.37 -18.18
CA LEU B 99 -14.76 -10.60 -18.00
C LEU B 99 -15.04 -12.09 -17.79
N ARG B 100 -15.51 -12.46 -16.60
CA ARG B 100 -15.94 -13.84 -16.36
C ARG B 100 -17.46 -13.77 -16.19
N VAL B 101 -18.18 -14.40 -17.12
CA VAL B 101 -19.64 -14.61 -16.96
C VAL B 101 -19.92 -16.11 -16.98
N GLN B 102 -20.94 -16.52 -16.24
CA GLN B 102 -21.34 -17.91 -16.21
C GLN B 102 -22.78 -18.03 -16.72
N VAL B 103 -22.97 -18.82 -17.78
CA VAL B 103 -24.27 -18.91 -18.45
C VAL B 103 -24.77 -20.32 -18.77
N THR B 104 -26.09 -20.50 -18.70
CA THR B 104 -26.74 -21.72 -19.22
C THR B 104 -27.63 -21.35 -20.40
N GLY B 105 -28.09 -22.37 -21.13
CA GLY B 105 -28.78 -22.14 -22.40
C GLY B 105 -27.74 -21.97 -23.50
N ALA B 106 -28.16 -21.50 -24.67
CA ALA B 106 -27.24 -21.31 -25.79
C ALA B 106 -27.37 -19.89 -26.32
N GLY B 107 -26.23 -19.26 -26.56
CA GLY B 107 -26.21 -17.90 -27.11
C GLY B 107 -24.79 -17.46 -27.42
N ARG B 108 -24.62 -16.15 -27.56
CA ARG B 108 -23.32 -15.57 -27.84
C ARG B 108 -23.07 -14.38 -26.91
N VAL B 109 -21.88 -14.33 -26.32
CA VAL B 109 -21.41 -13.19 -25.55
C VAL B 109 -20.54 -12.36 -26.49
N ASP B 110 -20.96 -11.15 -26.88
CA ASP B 110 -20.10 -10.29 -27.69
C ASP B 110 -19.54 -9.19 -26.83
N VAL B 111 -18.26 -8.89 -26.99
CA VAL B 111 -17.58 -7.90 -26.15
C VAL B 111 -17.16 -6.71 -27.00
N TYR B 112 -17.62 -5.52 -26.63
CA TYR B 112 -17.30 -4.30 -27.38
C TYR B 112 -16.47 -3.37 -26.52
N ARG B 113 -15.83 -2.40 -27.16
CA ARG B 113 -15.19 -1.30 -26.45
C ARG B 113 -15.40 0.00 -27.22
N THR B 114 -15.03 1.13 -26.62
CA THR B 114 -15.16 2.38 -27.33
C THR B 114 -13.88 3.17 -27.34
N LYS B 115 -13.77 4.01 -28.35
CA LYS B 115 -12.80 5.07 -28.42
C LYS B 115 -13.36 6.23 -27.62
N ALA B 116 -12.50 7.17 -27.25
CA ALA B 116 -12.91 8.36 -26.51
C ALA B 116 -13.88 9.26 -27.28
N THR B 117 -14.08 8.99 -28.57
CA THR B 117 -15.07 9.70 -29.37
C THR B 117 -16.44 9.04 -29.28
N GLY B 118 -16.52 7.95 -28.52
CA GLY B 118 -17.77 7.21 -28.37
C GLY B 118 -17.99 6.13 -29.41
N ALA B 119 -17.11 6.10 -30.44
CA ALA B 119 -17.17 5.10 -31.50
C ALA B 119 -17.11 3.70 -30.90
N ARG B 120 -17.92 2.78 -31.40
CA ARG B 120 -17.91 1.40 -30.86
C ARG B 120 -17.07 0.46 -31.70
N ILE B 121 -16.17 -0.26 -31.04
CA ILE B 121 -15.35 -1.26 -31.69
C ILE B 121 -15.76 -2.62 -31.18
N PHE B 122 -16.03 -3.54 -32.09
CA PHE B 122 -16.29 -4.94 -31.74
C PHE B 122 -14.96 -5.61 -31.37
N VAL B 123 -14.90 -6.25 -30.21
CA VAL B 123 -13.66 -6.89 -29.80
C VAL B 123 -13.65 -8.40 -30.02
N GLU B 124 -14.41 -9.16 -29.26
CA GLU B 124 -14.55 -10.59 -29.55
C GLU B 124 -15.87 -11.18 -29.13
N GLY B 125 -16.30 -12.19 -29.85
CA GLY B 125 -17.54 -12.88 -29.55
C GLY B 125 -17.29 -14.35 -29.36
N HIS B 126 -17.88 -14.90 -28.31
CA HIS B 126 -17.81 -16.32 -27.98
C HIS B 126 -19.20 -16.94 -27.98
N ASP B 127 -19.40 -17.97 -28.79
CA ASP B 127 -20.60 -18.81 -28.71
C ASP B 127 -20.50 -19.72 -27.49
N PHE B 128 -21.63 -20.05 -26.90
CA PHE B 128 -21.67 -21.02 -25.78
C PHE B 128 -22.92 -21.90 -25.81
N THR B 129 -22.78 -23.09 -25.25
CA THR B 129 -23.91 -23.91 -24.83
C THR B 129 -23.60 -24.41 -23.42
N GLY B 130 -24.59 -24.39 -22.54
CA GLY B 130 -24.42 -24.88 -21.18
C GLY B 130 -25.75 -25.21 -20.55
N THR B 131 -25.79 -26.31 -19.81
CA THR B 131 -26.98 -26.68 -19.04
C THR B 131 -26.80 -26.38 -17.54
N GLU B 132 -27.91 -26.28 -16.82
CA GLU B 132 -27.87 -26.07 -15.36
C GLU B 132 -26.90 -27.03 -14.66
N ASP B 133 -26.83 -28.26 -15.18
CA ASP B 133 -25.89 -29.24 -14.68
C ASP B 133 -24.46 -29.02 -15.20
N GLN B 134 -24.33 -28.35 -16.36
CA GLN B 134 -23.03 -28.12 -17.02
C GLN B 134 -22.82 -26.64 -17.35
N PRO B 135 -22.95 -25.75 -16.35
CA PRO B 135 -22.98 -24.33 -16.72
C PRO B 135 -21.78 -23.95 -17.57
N ALA B 136 -22.00 -23.19 -18.62
CA ALA B 136 -20.91 -22.70 -19.46
C ALA B 136 -20.29 -21.49 -18.81
N ALA B 137 -18.95 -21.48 -18.76
CA ALA B 137 -18.19 -20.33 -18.28
C ALA B 137 -17.51 -19.67 -19.48
N VAL B 138 -17.62 -18.35 -19.56
CA VAL B 138 -17.07 -17.60 -20.68
C VAL B 138 -16.13 -16.55 -20.14
N GLU B 139 -14.85 -16.62 -20.53
CA GLU B 139 -13.85 -15.63 -20.11
C GLU B 139 -13.16 -14.94 -21.28
N THR B 140 -13.16 -13.61 -21.23
CA THR B 140 -12.46 -12.78 -22.20
C THR B 140 -11.47 -11.93 -21.43
N GLU B 141 -10.24 -11.82 -21.94
CA GLU B 141 -9.30 -10.81 -21.48
C GLU B 141 -9.28 -9.61 -22.42
N VAL B 142 -9.37 -8.41 -21.86
CA VAL B 142 -9.34 -7.17 -22.63
C VAL B 142 -8.17 -6.31 -22.15
N VAL B 143 -7.15 -6.17 -22.98
CA VAL B 143 -5.99 -5.29 -22.68
C VAL B 143 -6.39 -3.82 -22.62
N LEU B 144 -5.89 -3.12 -21.60
CA LEU B 144 -6.28 -1.72 -21.36
C LEU B 144 -5.49 -0.71 -22.19
N GLN B 145 -4.60 -1.18 -23.05
CA GLN B 145 -3.72 -0.31 -23.84
C GLN B 145 -4.43 0.84 -24.58
N PRO B 146 -5.51 0.54 -25.33
CA PRO B 146 -6.06 1.55 -26.23
C PRO B 146 -7.07 2.50 -25.57
N PHE B 147 -6.82 2.89 -24.32
CA PHE B 147 -7.73 3.77 -23.58
C PHE B 147 -7.03 4.99 -23.01
N GLU B 148 -6.12 5.55 -23.81
CA GLU B 148 -5.34 6.71 -23.41
C GLU B 148 -6.22 7.84 -22.83
N ASP B 149 -7.23 8.27 -23.57
CA ASP B 149 -8.01 9.40 -23.08
C ASP B 149 -9.52 9.18 -23.01
N GLY B 150 -9.93 7.93 -22.82
CA GLY B 150 -11.33 7.60 -22.67
C GLY B 150 -11.64 6.21 -23.16
N GLY B 151 -12.92 5.85 -23.13
CA GLY B 151 -13.38 4.54 -23.55
C GLY B 151 -13.93 3.66 -22.44
N TRP B 152 -14.92 2.83 -22.81
CA TRP B 152 -15.50 1.84 -21.92
C TRP B 152 -15.36 0.48 -22.56
N VAL B 153 -15.63 -0.55 -21.77
CA VAL B 153 -15.71 -1.93 -22.28
C VAL B 153 -17.02 -2.50 -21.78
N TRP B 154 -17.75 -3.17 -22.66
CA TRP B 154 -18.99 -3.84 -22.24
C TRP B 154 -19.26 -5.10 -23.02
N PHE B 155 -20.28 -5.85 -22.59
CA PHE B 155 -20.72 -7.00 -23.35
C PHE B 155 -22.20 -6.98 -23.70
N ASP B 156 -22.57 -7.68 -24.77
CA ASP B 156 -23.97 -7.97 -25.08
C ASP B 156 -24.15 -9.47 -24.94
N ILE B 157 -25.37 -9.91 -24.62
CA ILE B 157 -25.73 -11.31 -24.80
C ILE B 157 -26.86 -11.41 -25.81
N THR B 158 -26.65 -12.28 -26.79
CA THR B 158 -27.63 -12.54 -27.84
C THR B 158 -27.90 -14.03 -27.84
N THR B 159 -29.17 -14.40 -27.67
CA THR B 159 -29.52 -15.77 -27.33
C THR B 159 -30.00 -16.59 -28.52
N ASP B 160 -29.65 -17.87 -28.51
CA ASP B 160 -30.25 -18.87 -29.39
C ASP B 160 -31.51 -19.40 -28.68
N THR B 161 -31.30 -20.18 -27.64
CA THR B 161 -32.38 -20.66 -26.77
C THR B 161 -32.49 -19.70 -25.58
N ALA B 162 -33.43 -19.95 -24.67
CA ALA B 162 -33.52 -19.18 -23.43
C ALA B 162 -32.22 -19.27 -22.62
N VAL B 163 -31.71 -18.14 -22.17
CA VAL B 163 -30.45 -18.07 -21.43
C VAL B 163 -30.62 -17.53 -20.01
N THR B 164 -29.89 -18.13 -19.06
CA THR B 164 -29.72 -17.58 -17.72
C THR B 164 -28.26 -17.13 -17.44
N LEU B 165 -28.05 -15.82 -17.22
CA LEU B 165 -26.79 -15.32 -16.67
C LEU B 165 -26.77 -15.52 -15.17
N HIS B 166 -26.00 -16.52 -14.71
CA HIS B 166 -25.93 -16.91 -13.30
C HIS B 166 -25.14 -15.89 -12.48
N SER B 167 -24.07 -15.37 -13.08
CA SER B 167 -23.21 -14.38 -12.45
C SER B 167 -22.26 -13.81 -13.49
N GLY B 168 -21.84 -12.57 -13.28
CA GLY B 168 -20.90 -11.91 -14.20
C GLY B 168 -20.04 -10.89 -13.51
N GLY B 169 -18.78 -10.80 -13.87
CA GLY B 169 -17.91 -9.84 -13.22
C GLY B 169 -16.70 -9.41 -14.03
N TRP B 170 -16.21 -8.22 -13.68
CA TRP B 170 -14.91 -7.75 -14.16
C TRP B 170 -13.84 -8.10 -13.14
N TYR B 171 -12.75 -8.70 -13.63
CA TYR B 171 -11.70 -9.22 -12.77
C TYR B 171 -10.31 -8.72 -13.17
N ALA B 172 -9.53 -8.29 -12.17
CA ALA B 172 -8.09 -8.09 -12.36
C ALA B 172 -7.43 -9.47 -12.45
N THR B 173 -6.29 -9.56 -13.12
CA THR B 173 -5.67 -10.87 -13.36
C THR B 173 -4.83 -11.41 -12.19
N SER B 174 -4.68 -10.58 -11.15
CA SER B 174 -3.98 -10.97 -9.92
C SER B 174 -4.73 -10.42 -8.69
N PRO B 175 -4.32 -10.82 -7.47
CA PRO B 175 -5.06 -10.43 -6.27
C PRO B 175 -4.99 -8.94 -5.95
N ALA B 176 -5.95 -8.48 -5.14
CA ALA B 176 -6.04 -7.10 -4.69
C ALA B 176 -5.02 -6.85 -3.60
N PRO B 177 -4.12 -5.87 -3.82
CA PRO B 177 -3.10 -5.54 -2.83
C PRO B 177 -3.70 -4.95 -1.56
N GLY B 178 -3.05 -5.20 -0.42
CA GLY B 178 -3.40 -4.59 0.86
C GLY B 178 -4.66 -5.15 1.49
N THR B 179 -5.00 -4.65 2.67
CA THR B 179 -6.14 -5.18 3.41
C THR B 179 -7.40 -4.34 3.19
N ALA B 180 -8.55 -5.01 3.21
CA ALA B 180 -9.83 -4.33 3.07
C ALA B 180 -10.41 -4.05 4.46
N ASN B 181 -10.20 -2.82 4.93
CA ASN B 181 -10.67 -2.40 6.24
C ASN B 181 -11.15 -0.95 6.19
N ILE B 182 -12.47 -0.78 6.22
CA ILE B 182 -13.09 0.52 5.99
C ILE B 182 -13.74 1.13 7.25
N ALA B 183 -13.27 2.33 7.62
CA ALA B 183 -13.99 3.17 8.55
C ALA B 183 -14.99 3.97 7.73
N VAL B 184 -16.26 3.90 8.10
CA VAL B 184 -17.30 4.59 7.33
C VAL B 184 -17.79 5.81 8.12
N GLY B 185 -17.74 6.98 7.48
CA GLY B 185 -18.20 8.20 8.09
C GLY B 185 -19.54 8.63 7.56
N ILE B 186 -20.52 8.74 8.46
CA ILE B 186 -21.83 9.32 8.15
C ILE B 186 -22.25 10.34 9.22
N PRO B 187 -21.92 11.63 9.03
CA PRO B 187 -22.45 12.68 9.92
C PRO B 187 -23.95 12.85 9.74
N THR B 188 -24.69 12.81 10.83
CA THR B 188 -26.15 13.04 10.78
C THR B 188 -26.51 14.33 11.54
N PHE B 189 -27.46 15.07 10.99
CA PHE B 189 -27.98 16.28 11.63
C PHE B 189 -29.49 16.32 11.42
N ASN B 190 -30.23 15.94 12.46
CA ASN B 190 -31.69 15.95 12.48
C ASN B 190 -32.37 15.20 11.33
N ARG B 191 -31.68 14.18 10.84
CA ARG B 191 -32.27 13.28 9.86
C ARG B 191 -32.12 11.84 10.35
N PRO B 192 -32.80 11.51 11.47
CA PRO B 192 -32.55 10.25 12.17
C PRO B 192 -33.19 9.04 11.48
N ALA B 193 -34.27 9.27 10.73
CA ALA B 193 -34.89 8.21 9.93
C ALA B 193 -34.03 7.85 8.72
N ASP B 194 -33.32 8.85 8.18
CA ASP B 194 -32.41 8.68 7.04
C ASP B 194 -31.11 8.02 7.42
N CYS B 195 -30.47 8.54 8.46
CA CYS B 195 -29.25 7.97 9.01
C CYS B 195 -29.41 6.48 9.28
N VAL B 196 -30.54 6.13 9.92
CA VAL B 196 -30.86 4.72 10.21
C VAL B 196 -30.83 3.89 8.94
N ASN B 197 -31.51 4.39 7.90
CA ASN B 197 -31.59 3.70 6.60
C ASN B 197 -30.23 3.51 5.92
N ALA B 198 -29.32 4.47 6.15
CA ALA B 198 -27.95 4.37 5.67
C ALA B 198 -27.23 3.22 6.36
N LEU B 199 -27.37 3.14 7.68
CA LEU B 199 -26.76 2.08 8.49
C LEU B 199 -27.22 0.68 8.07
N ARG B 200 -28.53 0.55 7.85
CA ARG B 200 -29.15 -0.71 7.47
C ARG B 200 -28.62 -1.22 6.12
N GLU B 201 -28.50 -0.31 5.15
CA GLU B 201 -28.00 -0.62 3.81
C GLU B 201 -26.53 -1.03 3.75
N LEU B 202 -25.72 -0.50 4.67
CA LEU B 202 -24.33 -0.91 4.76
C LEU B 202 -24.23 -2.42 5.02
N THR B 203 -25.04 -2.93 5.96
CA THR B 203 -25.00 -4.35 6.31
C THR B 203 -25.99 -5.20 5.53
N ALA B 204 -26.35 -4.77 4.32
CA ALA B 204 -27.32 -5.51 3.52
C ALA B 204 -26.62 -6.57 2.68
N ASP B 205 -25.51 -6.20 2.04
CA ASP B 205 -24.75 -7.12 1.20
C ASP B 205 -23.49 -7.63 1.92
N PRO B 206 -23.42 -8.96 2.17
CA PRO B 206 -22.28 -9.64 2.73
C PRO B 206 -20.93 -9.09 2.26
N LEU B 207 -20.73 -9.01 0.95
CA LEU B 207 -19.40 -8.65 0.43
C LEU B 207 -18.93 -7.27 0.90
N VAL B 208 -19.88 -6.38 1.13
CA VAL B 208 -19.63 -5.06 1.68
C VAL B 208 -19.47 -5.12 3.21
N ASP B 209 -20.42 -5.79 3.87
CA ASP B 209 -20.42 -5.99 5.32
C ASP B 209 -19.07 -6.52 5.84
N GLN B 210 -18.53 -7.51 5.13
CA GLN B 210 -17.26 -8.16 5.46
C GLN B 210 -16.08 -7.21 5.53
N VAL B 211 -16.10 -6.13 4.75
CA VAL B 211 -14.94 -5.25 4.63
C VAL B 211 -15.07 -3.88 5.35
N ILE B 212 -16.06 -3.79 6.23
CA ILE B 212 -16.25 -2.60 7.07
C ILE B 212 -15.80 -2.95 8.49
N GLY B 213 -14.72 -2.31 8.95
CA GLY B 213 -14.20 -2.58 10.29
C GLY B 213 -14.73 -1.62 11.32
N ALA B 214 -15.38 -0.56 10.85
CA ALA B 214 -15.90 0.52 11.70
C ALA B 214 -16.87 1.43 10.97
N VAL B 215 -17.89 1.90 11.69
CA VAL B 215 -18.80 2.93 11.19
C VAL B 215 -18.95 4.03 12.26
N ILE B 216 -18.55 5.27 11.92
CA ILE B 216 -18.58 6.38 12.88
C ILE B 216 -19.67 7.40 12.53
N VAL B 217 -20.51 7.69 13.51
CA VAL B 217 -21.68 8.56 13.31
C VAL B 217 -21.66 9.75 14.28
N PRO B 218 -21.17 10.91 13.81
CA PRO B 218 -21.24 12.13 14.60
C PRO B 218 -22.65 12.69 14.48
N ASP B 219 -23.39 12.68 15.59
CA ASP B 219 -24.76 13.16 15.59
C ASP B 219 -24.77 14.59 16.10
N GLN B 220 -24.90 15.53 15.17
CA GLN B 220 -24.91 16.94 15.51
C GLN B 220 -26.34 17.46 15.70
N GLY B 221 -27.30 16.55 15.70
CA GLY B 221 -28.72 16.88 15.81
C GLY B 221 -29.25 16.92 17.22
N GLU B 222 -30.45 17.46 17.36
CA GLU B 222 -31.18 17.50 18.63
C GLU B 222 -32.20 16.36 18.62
N ARG B 223 -32.67 16.02 17.42
CA ARG B 223 -33.43 14.81 17.19
C ARG B 223 -32.42 13.71 16.88
N LYS B 224 -32.31 12.75 17.78
CA LYS B 224 -31.21 11.79 17.76
C LYS B 224 -31.54 10.49 17.04
N VAL B 225 -30.54 9.95 16.36
CA VAL B 225 -30.65 8.68 15.62
C VAL B 225 -30.77 7.49 16.58
N ARG B 226 -30.10 7.59 17.72
CA ARG B 226 -30.16 6.55 18.75
C ARG B 226 -31.61 6.28 19.16
N ASP B 227 -32.44 7.32 19.09
CA ASP B 227 -33.80 7.30 19.62
C ASP B 227 -34.83 6.70 18.67
N HIS B 228 -34.49 6.60 17.39
CA HIS B 228 -35.39 6.04 16.39
C HIS B 228 -35.78 4.59 16.76
N PRO B 229 -37.08 4.23 16.57
CA PRO B 229 -37.57 2.85 16.79
C PRO B 229 -36.88 1.78 15.93
N ASP B 230 -36.54 2.12 14.69
CA ASP B 230 -35.88 1.18 13.79
C ASP B 230 -34.36 1.08 14.01
N PHE B 231 -33.81 1.94 14.88
CA PHE B 231 -32.37 1.99 15.11
C PHE B 231 -31.76 0.72 15.73
N PRO B 232 -32.25 0.29 16.91
CA PRO B 232 -31.60 -0.87 17.55
C PRO B 232 -31.45 -2.07 16.62
N ALA B 233 -32.51 -2.35 15.84
CA ALA B 233 -32.51 -3.43 14.85
C ALA B 233 -31.31 -3.34 13.89
N ALA B 234 -31.10 -2.15 13.33
CA ALA B 234 -30.03 -1.93 12.35
C ALA B 234 -28.63 -1.81 13.00
N ALA B 235 -28.61 -1.38 14.26
CA ALA B 235 -27.37 -1.25 15.01
C ALA B 235 -26.89 -2.58 15.59
N ALA B 236 -27.80 -3.56 15.59
CA ALA B 236 -27.50 -4.92 16.06
C ALA B 236 -26.59 -5.64 15.06
N ARG B 237 -26.78 -5.35 13.78
CA ARG B 237 -26.06 -6.00 12.70
C ARG B 237 -24.62 -5.49 12.58
N LEU B 238 -24.36 -4.30 13.11
CA LEU B 238 -23.00 -3.76 13.10
C LEU B 238 -22.22 -4.20 14.33
N GLY B 239 -22.88 -4.19 15.49
CA GLY B 239 -22.29 -4.65 16.74
C GLY B 239 -21.41 -3.62 17.39
N SER B 240 -20.21 -4.02 17.79
CA SER B 240 -19.21 -3.13 18.35
C SER B 240 -18.54 -2.22 17.30
N ARG B 241 -18.89 -2.42 16.03
CA ARG B 241 -18.32 -1.64 14.91
C ARG B 241 -18.88 -0.21 14.81
N LEU B 242 -20.08 -0.02 15.35
CA LEU B 242 -20.76 1.26 15.29
C LEU B 242 -20.57 2.01 16.58
N SER B 243 -20.00 3.19 16.46
CA SER B 243 -19.93 4.11 17.58
C SER B 243 -20.57 5.42 17.14
N ILE B 244 -21.46 5.94 17.97
CA ILE B 244 -22.07 7.26 17.77
C ILE B 244 -21.39 8.29 18.67
N HIS B 245 -21.24 9.49 18.13
CA HIS B 245 -20.58 10.56 18.86
C HIS B 245 -21.42 11.84 18.82
N ASP B 246 -21.86 12.27 20.01
CA ASP B 246 -22.56 13.53 20.19
C ASP B 246 -21.63 14.73 20.08
N GLN B 247 -22.07 15.76 19.36
CA GLN B 247 -21.37 17.04 19.34
C GLN B 247 -22.28 18.21 18.99
N PRO B 248 -21.82 19.45 19.23
CA PRO B 248 -22.54 20.64 18.77
C PRO B 248 -22.74 20.65 17.25
N ASN B 249 -23.66 21.50 16.77
CA ASN B 249 -23.88 21.67 15.33
C ASN B 249 -22.70 22.42 14.69
N LEU B 250 -21.70 21.65 14.25
CA LEU B 250 -20.48 22.20 13.65
C LEU B 250 -20.47 22.04 12.13
N GLY B 251 -21.61 21.68 11.56
CA GLY B 251 -21.76 21.56 10.11
C GLY B 251 -21.07 20.36 9.51
N GLY B 252 -20.98 20.35 8.19
CA GLY B 252 -20.29 19.29 7.45
C GLY B 252 -18.83 19.16 7.85
N SER B 253 -18.14 20.29 8.01
CA SER B 253 -16.74 20.24 8.37
C SER B 253 -16.58 19.48 9.65
N GLY B 254 -17.14 20.02 10.74
CA GLY B 254 -17.20 19.35 12.04
C GLY B 254 -17.63 17.89 11.95
N GLY B 255 -18.64 17.62 11.13
CA GLY B 255 -19.10 16.26 10.90
C GLY B 255 -18.01 15.31 10.43
N TYR B 256 -17.45 15.60 9.25
CA TYR B 256 -16.47 14.71 8.64
C TYR B 256 -15.14 14.75 9.37
N SER B 257 -14.82 15.91 9.95
CA SER B 257 -13.59 16.06 10.72
C SER B 257 -13.59 15.11 11.91
N ARG B 258 -14.74 14.99 12.57
CA ARG B 258 -14.90 14.05 13.67
C ARG B 258 -14.74 12.61 13.17
N VAL B 259 -15.21 12.35 11.96
CA VAL B 259 -15.05 11.05 11.33
C VAL B 259 -13.58 10.71 11.18
N MET B 260 -12.82 11.61 10.56
CA MET B 260 -11.39 11.41 10.39
C MET B 260 -10.70 11.28 11.75
N TYR B 261 -11.04 12.16 12.68
CA TYR B 261 -10.51 12.13 14.03
C TYR B 261 -10.70 10.76 14.67
N GLU B 262 -11.96 10.33 14.78
CA GLU B 262 -12.27 9.06 15.43
C GLU B 262 -11.55 7.89 14.76
N ALA B 263 -11.68 7.80 13.44
CA ALA B 263 -11.08 6.73 12.64
C ALA B 263 -9.57 6.64 12.80
N LEU B 264 -8.88 7.75 12.59
CA LEU B 264 -7.42 7.78 12.67
C LEU B 264 -6.87 7.54 14.06
N LYS B 265 -7.71 7.69 15.08
CA LYS B 265 -7.26 7.69 16.46
C LYS B 265 -7.81 6.51 17.27
N ASN B 266 -8.94 5.97 16.85
CA ASN B 266 -9.68 4.92 17.58
C ASN B 266 -9.91 3.62 16.79
N THR B 267 -9.46 3.57 15.54
CA THR B 267 -9.58 2.39 14.71
C THR B 267 -8.26 2.19 14.00
N ASP B 268 -8.03 0.99 13.49
CA ASP B 268 -6.81 0.71 12.73
C ASP B 268 -7.11 0.65 11.24
N CYS B 269 -8.23 1.25 10.86
CA CYS B 269 -8.77 1.15 9.51
C CYS B 269 -7.86 1.80 8.46
N GLN B 270 -7.68 1.10 7.35
CA GLN B 270 -6.77 1.51 6.30
C GLN B 270 -7.46 2.40 5.29
N GLN B 271 -8.80 2.44 5.34
CA GLN B 271 -9.61 3.23 4.41
C GLN B 271 -10.69 4.03 5.16
N ILE B 272 -10.64 5.35 5.00
CA ILE B 272 -11.72 6.20 5.51
C ILE B 272 -12.69 6.49 4.38
N LEU B 273 -13.98 6.17 4.58
CA LEU B 273 -15.01 6.40 3.57
C LEU B 273 -16.03 7.43 4.03
N PHE B 274 -15.95 8.63 3.46
CA PHE B 274 -16.90 9.69 3.75
C PHE B 274 -18.21 9.44 3.01
N MET B 275 -19.32 9.50 3.73
CA MET B 275 -20.66 9.36 3.13
C MET B 275 -21.65 10.37 3.69
N ASP B 276 -22.79 10.52 3.02
CA ASP B 276 -23.88 11.36 3.49
C ASP B 276 -24.87 10.45 4.21
N ASP B 277 -25.92 11.04 4.77
CA ASP B 277 -26.95 10.30 5.51
C ASP B 277 -28.28 10.17 4.77
N ASP B 278 -28.55 11.09 3.85
CA ASP B 278 -29.80 11.08 3.10
C ASP B 278 -29.64 10.36 1.75
N ILE B 279 -28.75 9.37 1.74
CA ILE B 279 -28.40 8.65 0.51
C ILE B 279 -29.03 7.26 0.38
N ARG B 280 -29.53 6.98 -0.82
CA ARG B 280 -29.91 5.62 -1.18
C ARG B 280 -28.70 5.00 -1.86
N LEU B 281 -28.45 3.73 -1.59
CA LEU B 281 -27.17 3.13 -1.90
C LEU B 281 -27.24 1.92 -2.84
N GLU B 282 -26.32 1.89 -3.80
CA GLU B 282 -25.98 0.67 -4.53
C GLU B 282 -24.73 0.03 -3.89
N PRO B 283 -24.89 -1.09 -3.15
CA PRO B 283 -23.78 -1.67 -2.40
C PRO B 283 -22.49 -1.87 -3.19
N ASP B 284 -22.57 -2.48 -4.37
CA ASP B 284 -21.37 -2.81 -5.13
C ASP B 284 -20.54 -1.58 -5.48
N SER B 285 -21.15 -0.40 -5.40
CA SER B 285 -20.43 0.85 -5.60
C SER B 285 -19.31 1.02 -4.60
N ILE B 286 -19.54 0.61 -3.36
CA ILE B 286 -18.51 0.70 -2.33
C ILE B 286 -17.31 -0.18 -2.65
N LEU B 287 -17.57 -1.38 -3.18
CA LEU B 287 -16.52 -2.35 -3.51
C LEU B 287 -15.68 -1.90 -4.68
N ARG B 288 -16.32 -1.20 -5.62
CA ARG B 288 -15.64 -0.68 -6.80
C ARG B 288 -14.66 0.40 -6.40
N VAL B 289 -15.06 1.22 -5.44
CA VAL B 289 -14.17 2.26 -4.98
C VAL B 289 -13.03 1.61 -4.19
N LEU B 290 -13.36 0.64 -3.35
CA LEU B 290 -12.33 -0.08 -2.65
C LEU B 290 -11.32 -0.68 -3.64
N ALA B 291 -11.86 -1.44 -4.61
CA ALA B 291 -11.05 -2.10 -5.64
C ALA B 291 -10.07 -1.17 -6.35
N MET B 292 -10.53 0.01 -6.79
CA MET B 292 -9.65 0.95 -7.48
C MET B 292 -8.63 1.54 -6.53
N HIS B 293 -9.07 1.91 -5.35
CA HIS B 293 -8.17 2.36 -4.29
C HIS B 293 -7.00 1.38 -4.07
N ARG B 294 -7.30 0.10 -3.91
CA ARG B 294 -6.25 -0.91 -3.70
C ARG B 294 -5.33 -1.09 -4.89
N PHE B 295 -5.87 -1.06 -6.10
CA PHE B 295 -5.07 -1.26 -7.31
C PHE B 295 -4.32 -0.01 -7.80
N ALA B 296 -4.56 1.13 -7.16
CA ALA B 296 -3.98 2.41 -7.55
C ALA B 296 -2.48 2.36 -7.82
N LYS B 297 -2.03 3.11 -8.81
CA LYS B 297 -0.64 3.21 -9.21
C LYS B 297 0.19 3.75 -8.06
N ALA B 298 -0.42 4.67 -7.32
CA ALA B 298 0.15 5.29 -6.13
C ALA B 298 -1.02 5.79 -5.30
N PRO B 299 -0.81 6.04 -3.98
CA PRO B 299 -1.91 6.42 -3.10
C PRO B 299 -2.73 7.64 -3.59
N MET B 300 -4.06 7.52 -3.51
CA MET B 300 -4.99 8.51 -4.07
C MET B 300 -6.36 8.50 -3.38
N LEU B 301 -7.12 9.58 -3.55
CA LEU B 301 -8.54 9.65 -3.14
C LEU B 301 -9.39 9.07 -4.26
N VAL B 302 -10.37 8.23 -3.92
CA VAL B 302 -11.25 7.67 -4.96
C VAL B 302 -12.69 8.03 -4.64
N GLY B 303 -13.42 8.55 -5.61
CA GLY B 303 -14.75 9.08 -5.39
C GLY B 303 -15.87 8.39 -6.15
N GLY B 304 -17.04 8.31 -5.52
CA GLY B 304 -18.22 7.79 -6.19
C GLY B 304 -18.95 8.95 -6.84
N GLN B 305 -19.71 8.66 -7.88
CA GLN B 305 -20.53 9.67 -8.55
C GLN B 305 -21.89 9.77 -7.89
N MET B 306 -22.62 10.83 -8.22
CA MET B 306 -23.95 11.05 -7.67
C MET B 306 -25.07 10.85 -8.70
N LEU B 307 -25.98 9.93 -8.41
CA LEU B 307 -27.22 9.82 -9.18
C LEU B 307 -28.28 10.60 -8.40
N ASN B 308 -29.28 11.10 -9.12
CA ASN B 308 -30.24 12.03 -8.52
C ASN B 308 -31.40 11.30 -7.85
N LEU B 309 -31.46 11.41 -6.53
CA LEU B 309 -32.45 10.71 -5.72
C LEU B 309 -33.88 10.94 -6.18
N GLN B 310 -34.14 12.11 -6.77
CA GLN B 310 -35.47 12.57 -7.17
C GLN B 310 -35.72 12.40 -8.66
N GLU B 311 -34.67 12.08 -9.42
CA GLU B 311 -34.75 11.71 -10.83
C GLU B 311 -33.72 10.60 -11.00
N PRO B 312 -34.11 9.36 -10.66
CA PRO B 312 -33.14 8.31 -10.35
C PRO B 312 -32.35 7.76 -11.54
N SER B 313 -32.77 8.03 -12.76
CA SER B 313 -31.98 7.57 -13.90
C SER B 313 -30.92 8.61 -14.34
N HIS B 314 -30.84 9.75 -13.65
CA HIS B 314 -29.98 10.88 -14.06
C HIS B 314 -28.65 10.94 -13.30
N LEU B 315 -27.55 11.02 -14.05
CA LEU B 315 -26.26 11.28 -13.44
C LEU B 315 -26.05 12.79 -13.24
N HIS B 316 -25.71 13.18 -12.02
CA HIS B 316 -25.48 14.57 -11.67
C HIS B 316 -24.38 15.18 -12.53
N ILE B 317 -23.19 14.58 -12.48
CA ILE B 317 -22.03 15.10 -13.21
C ILE B 317 -20.96 14.02 -13.25
N MET B 318 -20.29 13.92 -14.38
CA MET B 318 -19.16 13.00 -14.48
C MET B 318 -18.00 13.39 -13.56
N GLY B 319 -17.80 14.70 -13.40
CA GLY B 319 -16.75 15.20 -12.50
C GLY B 319 -16.64 16.71 -12.40
N GLU B 320 -16.20 17.17 -11.23
CA GLU B 320 -16.09 18.60 -10.97
C GLU B 320 -14.63 19.07 -10.88
N VAL B 321 -14.39 20.30 -11.32
CA VAL B 321 -13.09 20.95 -11.14
C VAL B 321 -13.31 22.29 -10.46
N VAL B 322 -12.22 22.95 -10.09
CA VAL B 322 -12.26 24.35 -9.70
C VAL B 322 -11.58 25.08 -10.83
N ASP B 323 -12.37 25.84 -11.59
CA ASP B 323 -11.80 26.73 -12.61
C ASP B 323 -10.98 27.81 -11.94
N ARG B 324 -9.74 27.98 -12.41
CA ARG B 324 -8.91 29.12 -12.03
C ARG B 324 -9.49 30.40 -12.65
N SER B 325 -8.68 31.42 -12.87
CA SER B 325 -9.15 32.66 -13.52
C SER B 325 -10.28 33.42 -12.77
N ILE B 326 -11.27 32.68 -12.24
CA ILE B 326 -12.31 33.26 -11.38
C ILE B 326 -12.52 32.45 -10.09
N PHE B 327 -11.74 31.39 -9.93
CA PHE B 327 -11.77 30.46 -8.79
C PHE B 327 -13.15 30.10 -8.29
N MET B 328 -13.80 29.23 -9.05
CA MET B 328 -15.15 28.79 -8.78
C MET B 328 -15.23 27.36 -9.26
N TRP B 329 -15.81 26.49 -8.42
CA TRP B 329 -16.04 25.09 -8.82
C TRP B 329 -17.03 25.06 -9.99
N THR B 330 -16.82 24.12 -10.89
CA THR B 330 -17.66 24.01 -12.06
C THR B 330 -17.63 22.57 -12.56
N ALA B 331 -18.28 22.32 -13.69
CA ALA B 331 -18.16 21.05 -14.37
C ALA B 331 -16.78 20.97 -14.99
N ALA B 332 -16.15 19.80 -14.88
CA ALA B 332 -14.87 19.52 -15.53
C ALA B 332 -14.99 19.63 -17.05
N PRO B 333 -13.89 19.98 -17.74
CA PRO B 333 -13.85 20.30 -19.17
C PRO B 333 -14.99 19.76 -20.04
N HIS B 334 -15.09 18.44 -20.21
CA HIS B 334 -16.06 17.89 -21.14
C HIS B 334 -17.21 17.13 -20.46
N ALA B 335 -17.85 17.80 -19.51
CA ALA B 335 -18.88 17.19 -18.68
C ALA B 335 -20.03 18.16 -18.47
N GLU B 336 -21.26 17.68 -18.63
CA GLU B 336 -22.44 18.51 -18.44
C GLU B 336 -23.38 17.87 -17.44
N TYR B 337 -24.05 18.68 -16.63
CA TYR B 337 -24.88 18.19 -15.55
C TYR B 337 -26.13 17.44 -16.02
N ASP B 338 -26.69 16.65 -15.11
CA ASP B 338 -28.01 16.03 -15.27
C ASP B 338 -28.13 15.15 -16.52
N HIS B 339 -27.56 13.94 -16.46
CA HIS B 339 -27.56 13.05 -17.62
C HIS B 339 -28.54 11.89 -17.50
N ASP B 340 -29.65 12.01 -18.22
CA ASP B 340 -30.68 10.99 -18.21
C ASP B 340 -30.30 9.80 -19.09
N PHE B 341 -29.84 8.71 -18.47
CA PHE B 341 -29.50 7.47 -19.18
C PHE B 341 -30.66 6.74 -19.86
N ALA B 342 -31.89 7.12 -19.52
CA ALA B 342 -33.07 6.50 -20.13
C ALA B 342 -33.51 7.22 -21.39
N GLU B 343 -33.05 8.46 -21.55
CA GLU B 343 -33.26 9.22 -22.77
C GLU B 343 -32.02 9.20 -23.66
N TYR B 344 -30.83 9.26 -23.06
CA TYR B 344 -29.57 9.16 -23.78
C TYR B 344 -28.75 8.00 -23.23
N PRO B 345 -28.87 6.82 -23.84
CA PRO B 345 -28.07 5.68 -23.40
C PRO B 345 -26.57 5.97 -23.53
N LEU B 346 -25.74 5.19 -22.85
CA LEU B 346 -24.29 5.36 -22.94
C LEU B 346 -23.80 5.09 -24.36
N ASN B 347 -24.51 4.22 -25.08
CA ASN B 347 -24.12 3.87 -26.44
C ASN B 347 -24.99 4.49 -27.53
N ASP B 348 -25.51 5.69 -27.29
CA ASP B 348 -26.31 6.37 -28.30
C ASP B 348 -25.42 7.21 -29.20
N ASN B 349 -25.93 7.55 -30.38
CA ASN B 349 -25.19 8.37 -31.32
C ASN B 349 -25.21 9.86 -30.98
N ASN B 350 -26.23 10.28 -30.23
CA ASN B 350 -26.37 11.65 -29.76
C ASN B 350 -25.12 12.19 -29.03
N SER B 351 -25.00 13.52 -28.97
CA SER B 351 -23.74 14.15 -28.58
C SER B 351 -23.59 14.36 -27.08
N ARG B 352 -24.66 14.19 -26.33
CA ARG B 352 -24.53 14.16 -24.87
C ARG B 352 -23.84 12.86 -24.45
N SER B 353 -24.39 11.74 -24.93
CA SER B 353 -23.86 10.40 -24.66
C SER B 353 -22.40 10.29 -25.01
N LYS B 354 -22.01 11.01 -26.06
CA LYS B 354 -20.68 10.94 -26.61
C LYS B 354 -19.61 11.39 -25.61
N LEU B 355 -19.92 12.40 -24.80
CA LEU B 355 -18.97 12.93 -23.83
C LEU B 355 -18.63 11.90 -22.74
N LEU B 356 -19.55 10.98 -22.48
CA LEU B 356 -19.36 9.98 -21.44
C LEU B 356 -18.15 9.06 -21.71
N HIS B 357 -17.64 9.11 -22.94
CA HIS B 357 -16.57 8.24 -23.38
C HIS B 357 -15.20 8.86 -23.26
N ARG B 358 -15.16 10.09 -22.77
CA ARG B 358 -13.91 10.75 -22.44
C ARG B 358 -13.58 10.50 -20.96
N ARG B 359 -12.29 10.28 -20.67
CA ARG B 359 -11.85 10.23 -19.30
C ARG B 359 -11.91 11.66 -18.75
N ILE B 360 -12.57 11.83 -17.62
CA ILE B 360 -12.71 13.15 -17.03
C ILE B 360 -11.83 13.30 -15.81
N ASP B 361 -10.75 14.06 -15.94
CA ASP B 361 -9.89 14.39 -14.79
C ASP B 361 -10.50 15.49 -13.91
N VAL B 362 -10.63 15.20 -12.62
CA VAL B 362 -11.24 16.11 -11.65
C VAL B 362 -10.22 16.69 -10.67
N ASP B 363 -10.66 17.68 -9.90
CA ASP B 363 -9.83 18.32 -8.87
C ASP B 363 -10.15 17.76 -7.48
N TYR B 364 -11.40 17.34 -7.28
CA TYR B 364 -11.88 16.83 -6.00
C TYR B 364 -13.16 16.05 -6.22
N ASN B 365 -13.53 15.21 -5.26
CA ASN B 365 -14.85 14.57 -5.29
C ASN B 365 -15.67 15.08 -4.10
N GLY B 366 -16.98 15.12 -4.28
CA GLY B 366 -17.92 15.43 -3.19
C GLY B 366 -17.94 14.33 -2.14
N TRP B 367 -18.34 14.70 -0.92
CA TRP B 367 -18.23 13.79 0.21
C TRP B 367 -19.44 12.91 0.49
N TRP B 368 -20.29 12.76 -0.52
CA TRP B 368 -21.37 11.77 -0.47
C TRP B 368 -20.79 10.35 -0.62
N THR B 369 -19.64 10.23 -1.29
CA THR B 369 -18.83 8.98 -1.37
C THR B 369 -17.39 9.30 -1.76
N CYS B 370 -16.53 9.47 -0.77
CA CYS B 370 -15.11 9.70 -1.02
C CYS B 370 -14.25 8.85 -0.11
N MET B 371 -13.22 8.22 -0.67
CA MET B 371 -12.35 7.32 0.10
C MET B 371 -10.89 7.77 0.19
N ILE B 372 -10.52 8.27 1.36
CA ILE B 372 -9.15 8.63 1.71
C ILE B 372 -8.41 7.46 2.38
N PRO B 373 -7.16 7.16 1.93
CA PRO B 373 -6.31 6.18 2.60
C PRO B 373 -5.84 6.71 3.95
N ARG B 374 -5.58 5.80 4.90
CA ARG B 374 -5.15 6.19 6.23
C ARG B 374 -3.94 7.10 6.18
N GLN B 375 -2.92 6.70 5.42
CA GLN B 375 -1.64 7.43 5.39
C GLN B 375 -1.79 8.86 4.83
N VAL B 376 -2.72 9.01 3.89
CA VAL B 376 -3.01 10.30 3.28
C VAL B 376 -3.69 11.23 4.28
N ALA B 377 -4.71 10.73 4.97
CA ALA B 377 -5.38 11.49 6.01
C ALA B 377 -4.40 11.87 7.12
N GLU B 378 -3.46 10.97 7.42
CA GLU B 378 -2.44 11.22 8.43
C GLU B 378 -1.56 12.39 8.04
N GLU B 379 -1.11 12.40 6.78
CA GLU B 379 -0.28 13.48 6.25
C GLU B 379 -1.03 14.81 6.11
N LEU B 380 -2.17 14.80 5.43
CA LEU B 380 -2.91 16.04 5.14
C LEU B 380 -3.62 16.64 6.35
N GLY B 381 -3.85 15.84 7.39
CA GLY B 381 -4.58 16.30 8.57
C GLY B 381 -6.07 16.47 8.32
N GLN B 382 -6.70 17.34 9.11
CA GLN B 382 -8.17 17.46 9.15
C GLN B 382 -8.75 18.38 8.07
N PRO B 383 -10.08 18.32 7.85
CA PRO B 383 -10.78 19.30 7.02
C PRO B 383 -10.72 20.70 7.64
N LEU B 384 -10.84 21.73 6.80
CA LEU B 384 -10.86 23.12 7.27
C LEU B 384 -12.13 23.45 8.03
N PRO B 385 -12.04 24.33 9.06
CA PRO B 385 -13.23 24.69 9.82
C PRO B 385 -14.12 25.69 9.06
N LEU B 386 -14.73 25.21 7.98
CA LEU B 386 -15.73 25.97 7.24
C LEU B 386 -17.02 25.31 7.65
N PHE B 387 -18.14 25.99 7.61
CA PHE B 387 -19.35 25.32 8.10
C PHE B 387 -19.86 24.29 7.07
N ILE B 388 -20.33 24.79 5.93
CA ILE B 388 -20.68 23.97 4.77
C ILE B 388 -20.12 24.63 3.53
N LYS B 389 -20.01 23.87 2.45
CA LYS B 389 -19.49 24.37 1.16
C LYS B 389 -17.96 24.59 1.14
N TRP B 390 -17.32 24.10 0.07
CA TRP B 390 -15.88 24.30 -0.24
C TRP B 390 -14.87 23.43 0.50
N ASP B 391 -15.27 22.85 1.63
CA ASP B 391 -14.36 22.04 2.47
C ASP B 391 -13.81 20.81 1.76
N ASP B 392 -14.65 20.20 0.94
CA ASP B 392 -14.27 19.02 0.16
C ASP B 392 -13.41 19.37 -1.06
N ALA B 393 -13.68 20.51 -1.67
CA ALA B 393 -12.86 20.98 -2.79
C ALA B 393 -11.44 21.33 -2.30
N ASP B 394 -11.37 21.97 -1.13
CA ASP B 394 -10.09 22.28 -0.50
C ASP B 394 -9.32 21.00 -0.17
N TYR B 395 -10.01 19.99 0.35
CA TYR B 395 -9.31 18.78 0.73
C TYR B 395 -8.67 18.12 -0.48
N GLY B 396 -9.43 18.06 -1.56
CA GLY B 396 -8.94 17.52 -2.83
C GLY B 396 -7.74 18.26 -3.39
N LEU B 397 -7.77 19.58 -3.34
CA LEU B 397 -6.67 20.39 -3.86
C LEU B 397 -5.42 20.31 -2.98
N ARG B 398 -5.63 20.21 -1.67
CA ARG B 398 -4.55 20.05 -0.70
C ARG B 398 -3.83 18.74 -0.97
N ALA B 399 -4.61 17.70 -1.22
CA ALA B 399 -4.09 16.40 -1.59
C ALA B 399 -3.24 16.49 -2.84
N ALA B 400 -3.70 17.26 -3.82
CA ALA B 400 -3.03 17.36 -5.12
C ALA B 400 -1.64 17.96 -4.98
N GLU B 401 -1.56 19.10 -4.27
CA GLU B 401 -0.28 19.73 -3.92
C GLU B 401 0.74 18.75 -3.34
N HIS B 402 0.25 17.83 -2.52
CA HIS B 402 1.08 16.79 -1.91
C HIS B 402 1.28 15.53 -2.79
N GLY B 403 0.75 15.56 -4.00
CA GLY B 403 0.95 14.46 -4.96
C GLY B 403 0.01 13.28 -4.83
N TYR B 404 -1.13 13.48 -4.16
CA TYR B 404 -2.20 12.49 -4.10
C TYR B 404 -3.39 12.95 -4.94
N PRO B 405 -3.59 12.32 -6.10
CA PRO B 405 -4.70 12.72 -6.97
C PRO B 405 -6.11 12.26 -6.50
N THR B 406 -7.13 12.79 -7.16
CA THR B 406 -8.52 12.44 -6.92
C THR B 406 -9.16 11.96 -8.22
N VAL B 407 -9.82 10.82 -8.14
CA VAL B 407 -10.49 10.25 -9.29
C VAL B 407 -11.93 10.06 -8.92
N THR B 408 -12.83 10.46 -9.82
CA THR B 408 -14.25 10.19 -9.68
C THR B 408 -14.52 8.98 -10.55
N LEU B 409 -14.71 7.84 -9.92
CA LEU B 409 -14.90 6.60 -10.65
C LEU B 409 -16.32 6.51 -11.19
N PRO B 410 -16.47 6.45 -12.52
CA PRO B 410 -17.81 6.27 -13.08
C PRO B 410 -18.31 4.83 -12.87
N GLY B 411 -19.60 4.68 -12.61
CA GLY B 411 -20.15 3.36 -12.37
C GLY B 411 -20.24 3.00 -10.90
N ALA B 412 -19.50 3.71 -10.07
CA ALA B 412 -19.67 3.61 -8.62
C ALA B 412 -20.53 4.79 -8.21
N ALA B 413 -21.74 4.51 -7.72
CA ALA B 413 -22.71 5.56 -7.53
C ALA B 413 -23.60 5.37 -6.33
N ILE B 414 -23.95 6.50 -5.73
CA ILE B 414 -25.04 6.59 -4.75
C ILE B 414 -26.06 7.60 -5.26
N TRP B 415 -27.29 7.46 -4.80
CA TRP B 415 -28.32 8.44 -5.04
C TRP B 415 -28.33 9.42 -3.87
N HIS B 416 -28.38 10.71 -4.19
CA HIS B 416 -28.41 11.77 -3.19
C HIS B 416 -29.32 12.85 -3.72
N MET B 417 -29.74 13.76 -2.86
CA MET B 417 -30.56 14.91 -3.28
C MET B 417 -29.72 15.86 -4.13
N ALA B 418 -30.31 16.36 -5.21
CA ALA B 418 -29.63 17.31 -6.09
C ALA B 418 -30.19 18.74 -5.95
N TRP B 419 -30.33 19.44 -7.07
CA TRP B 419 -30.88 20.79 -7.08
C TRP B 419 -32.20 20.85 -7.86
N SER B 420 -32.68 19.67 -8.30
CA SER B 420 -33.85 19.48 -9.17
C SER B 420 -35.09 20.35 -8.82
N ASP B 421 -34.99 21.64 -9.17
CA ASP B 421 -35.98 22.69 -8.84
C ASP B 421 -36.21 22.92 -7.33
N LYS B 422 -35.22 22.61 -6.49
CA LYS B 422 -35.39 22.58 -5.02
C LYS B 422 -34.40 23.42 -4.20
N ASP B 423 -33.18 23.57 -4.71
CA ASP B 423 -32.13 24.34 -4.01
C ASP B 423 -31.84 25.71 -4.63
N ASP B 424 -31.17 26.58 -3.88
CA ASP B 424 -30.70 27.89 -4.40
C ASP B 424 -29.43 28.46 -3.72
N ALA B 425 -28.87 29.51 -4.33
CA ALA B 425 -27.66 30.17 -3.83
C ALA B 425 -27.93 31.63 -3.49
N ILE B 426 -29.09 31.89 -2.88
CA ILE B 426 -29.46 33.22 -2.42
C ILE B 426 -29.84 33.21 -0.95
N ASP B 427 -30.14 32.03 -0.41
CA ASP B 427 -30.49 31.92 1.00
C ASP B 427 -29.26 32.08 1.89
N TRP B 428 -29.38 31.72 3.16
CA TRP B 428 -28.31 31.88 4.13
C TRP B 428 -27.01 31.26 3.66
N GLN B 429 -27.13 30.15 2.93
CA GLN B 429 -25.99 29.42 2.36
C GLN B 429 -25.06 30.27 1.53
N ALA B 430 -25.61 31.24 0.79
CA ALA B 430 -24.83 32.19 -0.02
C ALA B 430 -23.65 32.81 0.75
N TYR B 431 -23.83 32.97 2.06
CA TYR B 431 -22.78 33.50 2.92
C TYR B 431 -21.58 32.57 2.95
N PHE B 432 -21.86 31.27 3.03
CA PHE B 432 -20.81 30.26 3.05
C PHE B 432 -20.17 30.08 1.67
N HIS B 433 -20.96 30.07 0.61
CA HIS B 433 -20.41 29.99 -0.75
C HIS B 433 -19.28 30.99 -0.96
N LEU B 434 -19.43 32.18 -0.39
CA LEU B 434 -18.46 33.24 -0.59
C LEU B 434 -17.33 33.22 0.44
N ARG B 435 -17.67 33.17 1.72
CA ARG B 435 -16.64 33.19 2.77
C ARG B 435 -15.69 32.03 2.53
N ASN B 436 -16.25 30.87 2.26
CA ASN B 436 -15.44 29.68 2.01
C ASN B 436 -14.69 29.72 0.66
N ARG B 437 -15.37 30.15 -0.41
CA ARG B 437 -14.69 30.44 -1.69
C ARG B 437 -13.41 31.24 -1.50
N LEU B 438 -13.51 32.38 -0.81
CA LEU B 438 -12.36 33.25 -0.57
C LEU B 438 -11.27 32.61 0.30
N VAL B 439 -11.68 31.77 1.26
CA VAL B 439 -10.74 31.06 2.13
C VAL B 439 -9.94 30.03 1.33
N VAL B 440 -10.66 29.19 0.58
CA VAL B 440 -10.02 28.18 -0.24
C VAL B 440 -9.17 28.84 -1.33
N ALA B 441 -9.61 29.98 -1.84
CA ALA B 441 -8.84 30.72 -2.85
C ALA B 441 -7.52 31.23 -2.25
N ALA B 442 -7.62 31.92 -1.12
CA ALA B 442 -6.47 32.34 -0.33
C ALA B 442 -5.55 31.16 -0.07
N MET B 443 -6.14 30.00 0.25
CA MET B 443 -5.41 28.81 0.61
C MET B 443 -4.57 28.21 -0.54
N HIS B 444 -5.06 28.31 -1.77
CA HIS B 444 -4.47 27.60 -2.92
C HIS B 444 -4.16 28.42 -4.17
N TRP B 445 -4.54 29.69 -4.19
CA TRP B 445 -4.51 30.50 -5.41
C TRP B 445 -3.53 30.04 -6.51
N ASP B 446 -2.23 30.18 -6.26
CA ASP B 446 -1.14 29.62 -7.09
C ASP B 446 -0.66 30.50 -8.27
N GLY B 447 -1.44 30.51 -9.36
CA GLY B 447 -1.08 31.28 -10.56
C GLY B 447 -1.04 32.79 -10.33
N PRO B 448 -0.18 33.51 -11.10
CA PRO B 448 0.09 34.95 -10.94
C PRO B 448 -1.06 35.82 -10.39
N LYS B 449 -0.72 36.65 -9.39
CA LYS B 449 -1.68 37.36 -8.52
C LYS B 449 -2.69 38.25 -9.24
N ALA B 450 -2.21 39.05 -10.20
CA ALA B 450 -3.04 40.00 -10.96
C ALA B 450 -4.36 39.42 -11.49
N GLN B 451 -4.50 38.10 -11.43
CA GLN B 451 -5.69 37.37 -11.86
C GLN B 451 -6.86 37.47 -10.87
N VAL B 452 -6.58 37.97 -9.67
CA VAL B 452 -7.60 38.12 -8.61
C VAL B 452 -8.67 39.16 -8.98
N ILE B 453 -8.37 40.01 -9.96
CA ILE B 453 -9.34 40.96 -10.47
C ILE B 453 -10.48 40.23 -11.20
N GLY B 454 -10.18 39.01 -11.65
CA GLY B 454 -11.17 38.15 -12.32
C GLY B 454 -12.25 37.61 -11.42
N LEU B 455 -11.98 37.58 -10.12
CA LEU B 455 -12.93 37.09 -9.13
C LEU B 455 -13.92 38.18 -8.72
N VAL B 456 -13.39 39.38 -8.52
CA VAL B 456 -14.20 40.54 -8.12
C VAL B 456 -15.12 40.94 -9.27
N ARG B 457 -14.60 40.86 -10.49
CA ARG B 457 -15.40 41.07 -11.72
C ARG B 457 -16.61 40.11 -11.73
N SER B 458 -16.41 38.90 -11.22
CA SER B 458 -17.48 37.90 -11.11
C SER B 458 -18.45 38.18 -9.98
N HIS B 459 -17.93 38.59 -8.82
CA HIS B 459 -18.79 38.91 -7.69
C HIS B 459 -19.62 40.16 -7.95
N LEU B 460 -19.01 41.15 -8.60
CA LEU B 460 -19.72 42.38 -8.94
C LEU B 460 -20.88 42.10 -9.91
N LYS B 461 -20.69 41.14 -10.80
CA LYS B 461 -21.74 40.72 -11.73
C LYS B 461 -22.90 40.16 -10.91
N ALA B 462 -22.59 39.23 -10.02
CA ALA B 462 -23.58 38.61 -9.14
C ALA B 462 -24.26 39.64 -8.22
N THR B 463 -23.50 40.58 -7.67
CA THR B 463 -24.07 41.57 -6.74
C THR B 463 -25.08 42.50 -7.41
N LEU B 464 -24.73 43.07 -8.57
CA LEU B 464 -25.71 43.80 -9.39
C LEU B 464 -26.96 42.96 -9.67
N LYS B 465 -26.75 41.71 -10.07
CA LYS B 465 -27.83 40.79 -10.42
C LYS B 465 -28.73 40.44 -9.22
N HIS B 466 -28.17 40.40 -8.02
CA HIS B 466 -28.95 40.13 -6.82
C HIS B 466 -29.84 41.33 -6.50
N LEU B 467 -29.25 42.51 -6.56
CA LEU B 467 -29.98 43.76 -6.35
C LEU B 467 -31.05 43.99 -7.42
N ALA B 468 -30.74 43.61 -8.66
CA ALA B 468 -31.72 43.66 -9.76
C ALA B 468 -32.95 42.81 -9.47
N CYS B 469 -32.74 41.69 -8.77
CA CYS B 469 -33.81 40.75 -8.42
C CYS B 469 -34.38 41.00 -7.01
N LEU B 470 -33.90 42.05 -6.36
CA LEU B 470 -34.35 42.47 -5.02
C LEU B 470 -33.96 41.48 -3.94
N GLU B 471 -32.84 40.80 -4.14
CA GLU B 471 -32.28 39.87 -3.16
C GLU B 471 -31.35 40.60 -2.19
N TYR B 472 -31.92 41.57 -1.49
CA TYR B 472 -31.20 42.49 -0.61
C TYR B 472 -30.44 41.81 0.54
N SER B 473 -31.04 40.80 1.16
CA SER B 473 -30.38 40.06 2.23
C SER B 473 -29.17 39.27 1.70
N THR B 474 -29.26 38.77 0.47
CA THR B 474 -28.17 37.99 -0.15
C THR B 474 -26.92 38.88 -0.27
N VAL B 475 -27.13 40.10 -0.77
CA VAL B 475 -26.04 41.07 -0.85
C VAL B 475 -25.56 41.43 0.56
N ALA B 476 -26.50 41.61 1.48
CA ALA B 476 -26.16 41.87 2.88
C ALA B 476 -25.28 40.79 3.49
N ILE B 477 -25.72 39.54 3.45
CA ILE B 477 -24.97 38.42 4.05
C ILE B 477 -23.63 38.13 3.35
N GLN B 478 -23.60 38.30 2.03
CA GLN B 478 -22.35 38.19 1.29
C GLN B 478 -21.36 39.29 1.68
N ASN B 479 -21.88 40.46 2.06
CA ASN B 479 -21.06 41.56 2.62
C ASN B 479 -20.44 41.16 3.95
N LYS B 480 -21.17 40.37 4.74
CA LYS B 480 -20.68 39.90 6.04
C LYS B 480 -19.53 38.93 5.85
N ALA B 481 -19.68 38.05 4.85
CA ALA B 481 -18.69 37.03 4.51
C ALA B 481 -17.34 37.62 4.17
N ILE B 482 -17.33 38.63 3.30
CA ILE B 482 -16.08 39.27 2.91
C ILE B 482 -15.32 39.80 4.16
N ASP B 483 -16.03 40.54 5.01
CA ASP B 483 -15.51 40.94 6.32
C ASP B 483 -14.94 39.76 7.10
N ASP B 484 -15.76 38.73 7.30
CA ASP B 484 -15.36 37.54 8.06
C ASP B 484 -14.09 36.86 7.53
N PHE B 485 -14.00 36.77 6.20
CA PHE B 485 -12.81 36.24 5.56
C PHE B 485 -11.59 37.15 5.82
N LEU B 486 -11.82 38.46 5.79
CA LEU B 486 -10.76 39.44 5.95
C LEU B 486 -10.25 39.55 7.39
N ALA B 487 -11.03 39.03 8.34
CA ALA B 487 -10.66 39.04 9.74
C ALA B 487 -9.70 37.91 10.12
N GLY B 488 -9.52 36.95 9.21
CA GLY B 488 -8.46 35.97 9.34
C GLY B 488 -8.88 34.52 9.59
N PRO B 489 -7.88 33.61 9.60
CA PRO B 489 -8.02 32.19 9.89
C PRO B 489 -8.60 31.88 11.28
N GLU B 490 -7.96 32.36 12.34
CA GLU B 490 -8.42 32.05 13.71
C GLU B 490 -9.75 32.73 14.07
N HIS B 491 -10.12 33.77 13.32
CA HIS B 491 -11.48 34.31 13.38
C HIS B 491 -12.50 33.33 12.79
N ILE B 492 -12.19 32.78 11.62
CA ILE B 492 -13.03 31.79 10.94
C ILE B 492 -13.28 30.59 11.86
N PHE B 493 -12.24 30.15 12.55
CA PHE B 493 -12.33 28.99 13.43
C PHE B 493 -13.26 29.27 14.60
N SER B 494 -13.14 30.46 15.18
CA SER B 494 -13.94 30.85 16.34
C SER B 494 -15.43 30.97 15.99
N ILE B 495 -15.73 31.10 14.69
CA ILE B 495 -17.13 31.19 14.25
C ILE B 495 -17.60 29.93 13.49
N LEU B 496 -17.00 28.79 13.80
CA LEU B 496 -17.41 27.52 13.22
C LEU B 496 -18.88 27.23 13.58
N GLU B 497 -19.26 27.56 14.81
CA GLU B 497 -20.62 27.28 15.29
C GLU B 497 -21.52 28.52 15.35
N SER B 498 -20.93 29.70 15.53
CA SER B 498 -21.70 30.92 15.70
C SER B 498 -22.05 31.65 14.39
N ALA B 499 -21.42 31.21 13.29
CA ALA B 499 -21.64 31.79 11.95
C ALA B 499 -23.10 31.77 11.48
N LEU B 500 -23.70 30.57 11.51
CA LEU B 500 -25.10 30.38 11.11
C LEU B 500 -26.12 31.19 11.93
N PRO B 501 -26.09 31.08 13.28
CA PRO B 501 -27.04 31.85 14.10
C PRO B 501 -26.89 33.35 13.92
N GLN B 502 -25.69 33.80 13.57
CA GLN B 502 -25.45 35.21 13.29
C GLN B 502 -26.04 35.57 11.92
N VAL B 503 -25.92 34.66 10.95
CA VAL B 503 -26.45 34.89 9.59
C VAL B 503 -27.98 34.94 9.54
N HIS B 504 -28.64 34.16 10.41
CA HIS B 504 -30.09 34.24 10.54
C HIS B 504 -30.57 35.54 11.18
N ARG B 505 -29.78 36.05 12.14
CA ARG B 505 -30.07 37.32 12.80
C ARG B 505 -30.09 38.49 11.82
N ILE B 506 -29.23 38.41 10.79
CA ILE B 506 -29.09 39.48 9.81
C ILE B 506 -30.19 39.41 8.75
N ARG B 507 -30.55 38.18 8.36
CA ARG B 507 -31.58 37.97 7.36
C ARG B 507 -33.00 38.26 7.84
N LYS B 508 -33.25 38.08 9.15
CA LYS B 508 -34.59 38.14 9.73
C LYS B 508 -35.34 39.47 9.48
N SER B 509 -34.59 40.53 9.17
CA SER B 509 -35.18 41.85 9.00
C SER B 509 -35.46 42.17 7.54
N TYR B 510 -34.73 41.53 6.64
CA TYR B 510 -34.94 41.76 5.22
C TYR B 510 -36.18 41.01 4.76
N PRO B 511 -37.08 41.70 4.05
CA PRO B 511 -38.38 41.11 3.70
C PRO B 511 -38.23 39.92 2.76
N ASP B 512 -37.22 39.99 1.89
CA ASP B 512 -36.90 38.93 0.92
C ASP B 512 -36.44 37.60 1.53
N ALA B 513 -36.02 37.66 2.79
CA ALA B 513 -35.54 36.48 3.49
C ALA B 513 -36.58 35.87 4.44
N VAL B 514 -37.76 36.47 4.52
CA VAL B 514 -38.80 35.93 5.40
C VAL B 514 -39.82 35.14 4.58
N VAL B 515 -39.89 33.84 4.85
CA VAL B 515 -40.80 32.94 4.13
C VAL B 515 -42.18 32.93 4.75
N LEU B 516 -43.20 33.14 3.92
CA LEU B 516 -44.59 33.10 4.35
C LEU B 516 -45.22 31.91 3.66
N PRO B 517 -46.27 31.32 4.27
CA PRO B 517 -46.79 30.05 3.74
C PRO B 517 -47.23 30.16 2.29
N ALA B 518 -48.15 31.06 1.98
CA ALA B 518 -48.65 31.20 0.62
C ALA B 518 -48.86 32.66 0.24
N ALA B 519 -49.07 32.93 -1.05
CA ALA B 519 -49.40 34.27 -1.53
C ALA B 519 -50.80 34.71 -1.07
N SER B 520 -51.66 33.72 -0.83
CA SER B 520 -53.03 33.92 -0.34
C SER B 520 -53.09 34.44 1.11
N GLU B 521 -51.92 34.77 1.66
CA GLU B 521 -51.79 35.37 2.98
C GLU B 521 -51.68 36.90 2.85
N LEU B 522 -51.48 37.35 1.61
CA LEU B 522 -51.34 38.77 1.31
C LEU B 522 -52.44 39.24 0.34
N PRO B 523 -52.60 40.57 0.16
CA PRO B 523 -53.59 41.10 -0.79
C PRO B 523 -53.30 40.68 -2.23
N PRO B 524 -54.36 40.38 -3.03
CA PRO B 524 -54.22 39.98 -4.43
C PRO B 524 -53.36 40.97 -5.24
N PRO B 525 -52.64 40.49 -6.27
CA PRO B 525 -51.74 41.38 -7.01
C PRO B 525 -52.46 42.50 -7.74
N LEU B 526 -51.74 43.58 -8.07
CA LEU B 526 -52.31 44.74 -8.75
C LEU B 526 -52.68 44.37 -10.18
N HIS B 527 -51.68 43.94 -10.94
CA HIS B 527 -51.88 43.34 -12.26
C HIS B 527 -51.90 41.83 -12.11
N LYS B 528 -52.52 41.14 -13.07
CA LYS B 528 -52.44 39.67 -13.11
C LYS B 528 -51.05 39.25 -13.58
N ASN B 529 -50.95 38.36 -14.56
CA ASN B 529 -49.64 37.86 -14.99
C ASN B 529 -49.42 37.72 -16.50
N LYS B 530 -48.53 38.55 -17.02
CA LYS B 530 -48.12 38.49 -18.42
C LYS B 530 -47.18 37.29 -18.64
N ALA B 531 -47.48 36.50 -19.67
CA ALA B 531 -46.63 35.39 -20.09
C ALA B 531 -45.30 35.89 -20.68
N MET B 532 -44.33 36.14 -19.80
CA MET B 532 -43.05 36.76 -20.20
C MET B 532 -42.14 35.83 -20.99
N LYS B 533 -41.67 36.32 -22.14
CA LYS B 533 -40.76 35.56 -23.03
C LYS B 533 -39.28 35.77 -22.67
N PRO B 534 -38.50 34.66 -22.58
CA PRO B 534 -37.07 34.77 -22.28
C PRO B 534 -36.30 35.46 -23.41
N PRO B 535 -35.58 36.55 -23.10
CA PRO B 535 -34.95 37.37 -24.14
C PRO B 535 -33.57 36.86 -24.57
N VAL B 536 -33.56 35.83 -25.41
CA VAL B 536 -32.33 35.33 -26.04
C VAL B 536 -32.00 36.23 -27.23
N ASN B 537 -32.97 37.08 -27.60
CA ASN B 537 -32.81 38.08 -28.65
C ASN B 537 -31.56 38.96 -28.42
N PRO B 538 -30.84 39.31 -29.51
CA PRO B 538 -29.56 40.02 -29.37
C PRO B 538 -29.68 41.44 -28.79
N LEU B 539 -30.53 42.27 -29.39
CA LEU B 539 -30.65 43.69 -29.05
C LEU B 539 -31.61 43.96 -27.89
N VAL B 540 -32.54 43.03 -27.68
CA VAL B 540 -33.62 43.21 -26.69
C VAL B 540 -33.12 43.21 -25.24
N ILE B 541 -32.01 42.52 -24.97
CA ILE B 541 -31.37 42.60 -23.64
C ILE B 541 -30.89 44.02 -23.29
N GLY B 542 -30.67 44.84 -24.33
CA GLY B 542 -30.24 46.23 -24.16
C GLY B 542 -31.37 47.16 -23.72
N TYR B 543 -32.57 46.89 -24.23
CA TYR B 543 -33.78 47.63 -23.84
C TYR B 543 -34.27 47.21 -22.45
N ARG B 544 -34.15 45.91 -22.14
CA ARG B 544 -34.48 45.39 -20.80
C ARG B 544 -33.56 45.98 -19.74
N LEU B 545 -32.25 46.00 -20.04
CA LEU B 545 -31.24 46.58 -19.15
C LEU B 545 -31.39 48.09 -19.02
N ALA B 546 -31.91 48.73 -20.08
CA ALA B 546 -32.22 50.17 -20.05
C ALA B 546 -33.31 50.45 -19.03
N ARG B 547 -34.51 49.90 -19.28
CA ARG B 547 -35.61 50.01 -18.31
C ARG B 547 -35.30 49.22 -17.03
N GLY B 548 -34.06 48.75 -16.93
CA GLY B 548 -33.54 48.20 -15.68
C GLY B 548 -32.95 49.31 -14.83
N ILE B 549 -31.81 49.84 -15.27
CA ILE B 549 -31.11 50.89 -14.52
C ILE B 549 -31.95 52.16 -14.46
N MET B 550 -32.62 52.48 -15.55
CA MET B 550 -33.40 53.72 -15.64
C MET B 550 -34.53 53.74 -14.62
N HIS B 551 -35.17 52.59 -14.39
CA HIS B 551 -36.25 52.49 -13.42
C HIS B 551 -35.72 52.49 -11.99
N ASN B 552 -34.56 51.87 -11.76
CA ASN B 552 -33.99 51.75 -10.42
C ASN B 552 -33.50 53.07 -9.81
N LEU B 553 -33.59 54.15 -10.58
CA LEU B 553 -33.24 55.49 -10.11
C LEU B 553 -34.45 56.23 -9.52
N THR B 554 -35.65 55.68 -9.73
CA THR B 554 -36.89 56.29 -9.22
C THR B 554 -37.24 55.78 -7.82
N ALA B 555 -37.87 56.64 -7.03
CA ALA B 555 -38.25 56.29 -5.66
C ALA B 555 -39.44 55.34 -5.66
N ALA B 556 -39.29 54.21 -4.97
CA ALA B 556 -40.30 53.17 -4.91
C ALA B 556 -41.56 53.64 -4.19
N ASN B 557 -42.71 53.42 -4.82
CA ASN B 557 -44.01 53.80 -4.24
C ASN B 557 -44.44 52.81 -3.15
N PRO B 558 -44.59 53.30 -1.89
CA PRO B 558 -44.80 52.43 -0.73
C PRO B 558 -46.05 51.54 -0.82
N GLN B 559 -47.03 51.96 -1.63
CA GLN B 559 -48.24 51.17 -1.86
C GLN B 559 -47.93 49.81 -2.47
N HIS B 560 -46.79 49.71 -3.15
CA HIS B 560 -46.34 48.47 -3.73
C HIS B 560 -45.71 47.56 -2.69
N HIS B 561 -45.46 48.11 -1.50
CA HIS B 561 -44.95 47.34 -0.37
C HIS B 561 -46.07 46.81 0.54
N ARG B 562 -47.24 47.46 0.47
CA ARG B 562 -48.44 47.01 1.17
C ARG B 562 -49.18 45.94 0.35
N ARG B 563 -49.25 46.14 -0.96
CA ARG B 563 -49.89 45.19 -1.88
C ARG B 563 -48.93 44.83 -3.01
N PRO B 564 -48.73 43.52 -3.25
CA PRO B 564 -47.86 43.07 -4.34
C PRO B 564 -48.33 43.54 -5.70
N GLU B 565 -47.38 43.84 -6.59
CA GLU B 565 -47.68 44.14 -7.99
C GLU B 565 -47.90 42.85 -8.79
N PHE B 566 -47.21 41.80 -8.39
CA PHE B 566 -47.34 40.49 -9.03
C PHE B 566 -47.17 39.39 -7.99
N ASN B 567 -47.63 38.19 -8.36
CA ASN B 567 -47.21 36.93 -7.74
C ASN B 567 -46.40 36.19 -8.82
N VAL B 568 -45.09 36.09 -8.61
CA VAL B 568 -44.19 35.58 -9.64
C VAL B 568 -43.67 34.20 -9.32
N PRO B 569 -43.99 33.21 -10.17
CA PRO B 569 -43.41 31.86 -10.12
C PRO B 569 -41.88 31.91 -10.14
N THR B 570 -41.23 30.91 -9.54
CA THR B 570 -39.77 30.86 -9.51
C THR B 570 -39.17 30.95 -10.91
N GLN B 571 -39.75 30.17 -11.83
CA GLN B 571 -39.27 30.07 -13.21
C GLN B 571 -39.32 31.40 -13.94
N ASP B 572 -40.38 32.17 -13.67
CA ASP B 572 -40.57 33.48 -14.27
C ASP B 572 -39.79 34.58 -13.56
N ALA B 573 -39.23 34.28 -12.39
CA ALA B 573 -38.55 35.28 -11.56
C ALA B 573 -37.10 35.51 -11.95
N ARG B 574 -36.88 36.43 -12.89
CA ARG B 574 -35.53 36.76 -13.32
C ARG B 574 -35.37 38.27 -13.48
N TRP B 575 -34.15 38.73 -13.72
CA TRP B 575 -33.84 40.17 -13.79
C TRP B 575 -34.80 40.95 -14.70
N PHE B 576 -34.82 40.62 -15.99
CA PHE B 576 -35.64 41.32 -17.00
C PHE B 576 -37.10 41.47 -16.62
N LEU B 577 -37.54 40.69 -15.64
CA LEU B 577 -38.89 40.77 -15.10
C LEU B 577 -38.89 41.54 -13.77
N LEU B 578 -37.95 41.20 -12.90
CA LEU B 578 -37.99 41.68 -11.52
C LEU B 578 -37.50 43.10 -11.31
N CYS B 579 -36.71 43.60 -12.24
CA CYS B 579 -36.08 44.90 -12.08
C CYS B 579 -37.05 46.04 -12.38
N THR B 580 -38.14 45.69 -13.07
CA THR B 580 -39.12 46.70 -13.50
C THR B 580 -40.18 47.05 -12.45
N VAL B 581 -40.23 46.25 -11.38
CA VAL B 581 -41.28 46.35 -10.35
C VAL B 581 -40.77 47.02 -9.06
N ASP B 582 -41.70 47.38 -8.18
CA ASP B 582 -41.35 47.94 -6.85
C ASP B 582 -41.60 46.97 -5.69
N GLY B 583 -42.47 45.99 -5.91
CA GLY B 583 -42.81 44.99 -4.90
C GLY B 583 -43.59 43.85 -5.50
N ALA B 584 -43.15 42.61 -5.22
CA ALA B 584 -43.81 41.41 -5.74
C ALA B 584 -43.46 40.17 -4.92
N THR B 585 -44.40 39.24 -4.83
CA THR B 585 -44.13 37.97 -4.16
C THR B 585 -43.47 37.04 -5.15
N VAL B 586 -42.43 36.33 -4.67
CA VAL B 586 -41.69 35.39 -5.50
C VAL B 586 -41.62 34.06 -4.76
N THR B 587 -42.18 33.02 -5.37
CA THR B 587 -42.15 31.67 -4.83
C THR B 587 -40.72 31.14 -4.69
N THR B 588 -40.49 30.46 -3.58
CA THR B 588 -39.21 29.86 -3.25
C THR B 588 -38.87 28.73 -4.20
N ALA B 589 -37.58 28.52 -4.43
CA ALA B 589 -37.12 27.42 -5.26
C ALA B 589 -37.83 26.12 -4.91
N ASP B 590 -37.92 25.77 -3.63
CA ASP B 590 -38.54 24.50 -3.22
C ASP B 590 -40.07 24.48 -3.39
N GLY B 591 -40.64 25.63 -3.75
CA GLY B 591 -42.07 25.76 -4.03
C GLY B 591 -42.97 25.61 -2.82
N CYS B 592 -42.46 26.00 -1.65
CA CYS B 592 -43.13 25.78 -0.39
C CYS B 592 -43.76 27.04 0.19
N GLY B 593 -43.25 28.17 -0.28
CA GLY B 593 -43.74 29.46 0.17
C GLY B 593 -43.48 30.54 -0.85
N VAL B 594 -43.61 31.79 -0.41
CA VAL B 594 -43.33 32.97 -1.22
C VAL B 594 -42.53 33.95 -0.35
N VAL B 595 -41.83 34.88 -0.99
CA VAL B 595 -41.25 36.00 -0.24
C VAL B 595 -41.79 37.31 -0.80
N TYR B 596 -41.92 38.30 0.07
CA TYR B 596 -42.32 39.63 -0.37
C TYR B 596 -41.08 40.45 -0.72
N ARG B 597 -40.61 40.31 -1.96
CA ARG B 597 -39.52 41.15 -2.45
C ARG B 597 -39.98 42.60 -2.63
N GLN B 598 -39.23 43.54 -2.07
CA GLN B 598 -39.64 44.94 -2.02
C GLN B 598 -38.50 45.90 -2.39
N ARG B 599 -38.65 46.59 -3.53
CA ARG B 599 -37.60 47.47 -4.04
C ARG B 599 -37.45 48.71 -3.16
N ASP B 600 -36.21 49.00 -2.76
CA ASP B 600 -35.88 50.21 -2.03
C ASP B 600 -34.60 50.81 -2.63
N ARG B 601 -34.72 52.00 -3.21
CA ARG B 601 -33.58 52.67 -3.83
C ARG B 601 -32.50 53.00 -2.80
N ALA B 602 -32.91 53.62 -1.70
CA ALA B 602 -32.00 54.01 -0.61
C ALA B 602 -31.21 52.84 -0.02
N LYS B 603 -31.91 51.74 0.29
CA LYS B 603 -31.29 50.54 0.84
C LYS B 603 -30.40 49.85 -0.18
N MET B 604 -30.79 49.96 -1.45
CA MET B 604 -30.08 49.32 -2.56
C MET B 604 -28.69 49.92 -2.74
N PHE B 605 -28.61 51.24 -2.86
CA PHE B 605 -27.31 51.91 -2.91
C PHE B 605 -26.52 51.64 -1.63
N ALA B 606 -27.19 51.78 -0.49
CA ALA B 606 -26.61 51.46 0.83
C ALA B 606 -25.98 50.05 0.89
N LEU B 607 -26.49 49.13 0.09
CA LEU B 607 -25.84 47.84 -0.04
C LEU B 607 -24.78 47.87 -1.14
N LEU B 608 -25.14 48.40 -2.31
CA LEU B 608 -24.25 48.42 -3.48
C LEU B 608 -22.91 49.12 -3.21
N TRP B 609 -22.98 50.28 -2.55
CA TRP B 609 -21.79 51.02 -2.18
C TRP B 609 -20.95 50.22 -1.18
N GLN B 610 -21.62 49.64 -0.18
CA GLN B 610 -20.94 48.83 0.82
C GLN B 610 -20.38 47.53 0.25
N SER B 611 -20.85 47.13 -0.94
CA SER B 611 -20.30 45.95 -1.60
C SER B 611 -19.04 46.29 -2.36
N LEU B 612 -19.07 47.39 -3.11
CA LEU B 612 -17.85 47.91 -3.77
C LEU B 612 -16.77 48.24 -2.74
N ARG B 613 -17.19 48.66 -1.55
CA ARG B 613 -16.31 48.92 -0.43
C ARG B 613 -15.60 47.65 0.05
N ARG B 614 -16.27 46.52 -0.12
CA ARG B 614 -15.73 45.23 0.29
C ARG B 614 -14.84 44.66 -0.79
N GLN B 615 -15.13 45.04 -2.04
CA GLN B 615 -14.38 44.58 -3.19
C GLN B 615 -13.05 45.30 -3.33
N ARG B 616 -13.04 46.61 -3.02
CA ARG B 616 -11.82 47.42 -3.08
C ARG B 616 -10.76 46.86 -2.12
N GLN B 617 -11.22 46.44 -0.93
CA GLN B 617 -10.36 45.80 0.05
C GLN B 617 -9.90 44.44 -0.46
N LEU B 618 -10.83 43.67 -1.03
CA LEU B 618 -10.54 42.33 -1.54
C LEU B 618 -9.35 42.25 -2.49
N LEU B 619 -9.24 43.15 -3.45
CA LEU B 619 -8.19 43.05 -4.46
C LEU B 619 -6.79 43.50 -4.02
N LYS B 620 -6.71 44.47 -3.11
CA LYS B 620 -5.41 44.87 -2.57
C LYS B 620 -4.98 44.01 -1.37
N ARG B 621 -5.92 43.72 -0.47
CA ARG B 621 -5.62 42.91 0.71
C ARG B 621 -5.53 41.40 0.45
N PHE B 622 -5.61 41.00 -0.82
CA PHE B 622 -5.63 39.59 -1.14
C PHE B 622 -4.28 38.89 -0.97
N GLU B 623 -3.25 39.41 -1.61
CA GLU B 623 -1.90 38.85 -1.47
C GLU B 623 -1.56 38.57 0.00
N GLU B 624 -1.97 39.51 0.86
CA GLU B 624 -1.86 39.38 2.31
C GLU B 624 -2.52 38.07 2.77
N MET B 625 -3.81 37.92 2.44
CA MET B 625 -4.62 36.79 2.86
C MET B 625 -4.01 35.45 2.46
N ARG B 626 -3.43 35.40 1.27
CA ARG B 626 -2.69 34.23 0.79
C ARG B 626 -1.71 33.73 1.86
N ARG B 627 -0.79 34.60 2.29
CA ARG B 627 0.25 34.27 3.28
C ARG B 627 -0.32 33.98 4.67
N ILE B 628 -1.26 34.82 5.11
CA ILE B 628 -1.88 34.67 6.44
C ILE B 628 -2.77 33.40 6.58
N TYR B 629 -3.39 32.98 5.49
CA TYR B 629 -4.13 31.72 5.53
C TYR B 629 -3.20 30.51 5.41
N ARG B 630 -2.39 30.46 4.36
CA ARG B 630 -1.40 29.40 4.18
C ARG B 630 -0.58 29.12 5.47
N ASP B 631 -0.13 30.19 6.14
CA ASP B 631 0.58 30.11 7.43
C ASP B 631 -0.22 29.42 8.55
N ALA B 632 -1.54 29.51 8.47
CA ALA B 632 -2.42 28.97 9.51
C ALA B 632 -2.94 27.56 9.20
N LEU B 633 -2.59 27.05 8.02
CA LEU B 633 -3.02 25.72 7.60
C LEU B 633 -2.59 24.59 8.56
N PRO B 634 -1.29 24.54 8.95
CA PRO B 634 -0.89 23.50 9.91
C PRO B 634 -1.80 23.46 11.14
N THR B 635 -2.25 24.65 11.55
CA THR B 635 -3.06 24.83 12.75
C THR B 635 -4.53 24.47 12.51
N LEU B 636 -5.12 24.99 11.44
CA LEU B 636 -6.52 24.72 11.08
C LEU B 636 -6.76 23.23 10.82
N SER B 637 -5.79 22.58 10.18
CA SER B 637 -5.90 21.17 9.81
C SER B 637 -5.42 20.21 10.90
N SER B 638 -5.01 20.75 12.05
CA SER B 638 -4.50 19.95 13.16
C SER B 638 -5.60 19.21 13.93
N LYS B 639 -5.31 17.97 14.33
CA LYS B 639 -6.17 17.21 15.22
C LYS B 639 -6.24 17.90 16.58
N GLN B 640 -5.07 18.35 17.04
CA GLN B 640 -4.91 18.96 18.36
C GLN B 640 -5.36 20.45 18.40
N LYS B 641 -6.27 20.80 17.51
CA LYS B 641 -6.88 22.14 17.48
C LYS B 641 -8.39 21.97 17.29
N TRP B 642 -8.76 20.90 16.60
CA TRP B 642 -10.15 20.48 16.47
C TRP B 642 -10.70 19.97 17.81
N GLU B 643 -9.86 19.24 18.54
CA GLU B 643 -10.21 18.69 19.86
C GLU B 643 -11.03 19.66 20.69
N THR B 644 -10.61 20.93 20.71
CA THR B 644 -11.22 21.97 21.53
C THR B 644 -12.34 22.70 20.79
N ALA B 645 -12.99 21.97 19.87
CA ALA B 645 -14.17 22.43 19.16
C ALA B 645 -15.12 21.24 19.04
N LEU B 646 -14.56 20.03 19.05
CA LEU B 646 -15.33 18.79 18.96
C LEU B 646 -15.80 18.34 20.35
N LEU B 647 -14.90 18.44 21.33
CA LEU B 647 -15.20 18.09 22.71
C LEU B 647 -15.45 19.34 23.58
N PRO B 648 -16.09 19.16 24.77
CA PRO B 648 -16.22 20.25 25.76
C PRO B 648 -14.87 20.75 26.30
#